data_3T8X
#
_entry.id   3T8X
#
_cell.length_a   203.250
_cell.length_b   67.580
_cell.length_c   88.190
_cell.angle_alpha   90.00
_cell.angle_beta   112.26
_cell.angle_gamma   90.00
#
_symmetry.space_group_name_H-M   'C 1 2 1'
#
loop_
_entity.id
_entity.type
_entity.pdbx_description
1 polymer 'T-cell surface glycoprotein CD1b'
2 polymer Beta-2-microglobulin
3 branched alpha-L-fucopyranose-(1-6)-2-acetamido-2-deoxy-beta-D-glucopyranose
4 branched alpha-D-mannopyranose-(1-6)-beta-D-mannopyranose-(1-4)-2-acetamido-2-deoxy-beta-D-glucopyranose-(1-4)-[alpha-L-fucopyranose-(1-6)]2-acetamido-2-deoxy-beta-D-glucopyranose
5 branched 2-acetamido-2-deoxy-beta-D-glucopyranose-(1-4)-[alpha-L-fucopyranose-(1-6)]2-acetamido-2-deoxy-beta-D-glucopyranose
6 non-polymer 'SULFATE ION'
7 non-polymer 'ACETATE ION'
8 non-polymer '2-O-sulfo-alpha-D-glucopyranosyl 2-O-hexadecanoyl-3-O-[(2E,4S,6S,8S)-2,4,6,8-tetramethyltetracos-2-enoyl]-alpha-D-glucopyranoside'
9 non-polymer tetracontane
10 non-polymer GLYCEROL
11 water water
#
loop_
_entity_poly.entity_id
_entity_poly.type
_entity_poly.pdbx_seq_one_letter_code
_entity_poly.pdbx_strand_id
1 'polypeptide(L)'
;EHAFQGPTSFHVIQTSSFTNSTWAQTQGSGWLDDLQIHGWDSDSGTAIFLKPWSKGNFSDKEVAELEEIFRVYIFGFARE
VQDFAGDFQMKYPFEIQGIAGCELHSGGAIVSFLRGALGGLDFLSVKNASCVPSPEGGSRAQKFCALIIQYQGIMETVRI
LLYETCPRYLLGVLNAGKADLQRQVKPEAWLSSGPSPGPGRLQLVCHVSGFYPKPVWVMWMRGEQEQQGTQLGDILPNAN
WTWYLRATLDVADGEAAGLSCRVKHSSLEGQDIILYWRNPIDKLGGGLNDIFEAQKIEWHE
;
A,C
2 'polypeptide(L)'
;IQRTPKIQVYSRHPAENGKSNFLNCYVSGFHPSDIEVDLLKNGERIEKVEHSDLSFSKDWSFYLLYYTEFTPTEKDEYAC
RVNHVTLSQPKIVKWDRDM
;
B,D
#
# COMPACT_ATOMS: atom_id res chain seq x y z
N PHE A 4 -4.58 -17.84 -17.16
CA PHE A 4 -3.51 -18.84 -17.56
C PHE A 4 -2.23 -18.54 -16.77
N GLN A 5 -1.26 -19.43 -16.86
CA GLN A 5 -0.03 -19.31 -16.08
C GLN A 5 1.14 -18.91 -17.00
N GLY A 6 2.36 -18.76 -16.44
CA GLY A 6 3.45 -18.03 -17.15
C GLY A 6 3.27 -16.51 -17.37
N PRO A 7 4.15 -15.88 -18.20
CA PRO A 7 4.12 -14.40 -18.42
C PRO A 7 2.88 -13.79 -18.97
N THR A 8 2.64 -12.52 -18.63
CA THR A 8 1.52 -11.81 -19.14
C THR A 8 1.96 -10.43 -19.71
N SER A 9 3.27 -10.18 -19.85
CA SER A 9 3.74 -8.85 -20.39
C SER A 9 4.93 -9.01 -21.32
N PHE A 10 5.12 -8.06 -22.23
CA PHE A 10 6.24 -8.11 -23.20
C PHE A 10 6.90 -6.72 -23.02
N HIS A 11 8.21 -6.67 -22.99
CA HIS A 11 8.91 -5.43 -23.12
C HIS A 11 10.28 -5.49 -23.74
N VAL A 12 10.71 -4.32 -24.26
CA VAL A 12 12.06 -4.17 -24.77
C VAL A 12 12.79 -3.25 -23.81
N ILE A 13 14.06 -3.50 -23.62
CA ILE A 13 14.93 -2.61 -22.85
C ILE A 13 16.12 -2.11 -23.69
N GLN A 14 16.66 -1.00 -23.28
CA GLN A 14 17.83 -0.33 -23.76
C GLN A 14 18.73 0.09 -22.63
N THR A 15 20.04 -0.15 -22.73
CA THR A 15 21.00 0.43 -21.85
C THR A 15 22.03 1.11 -22.76
N SER A 16 22.13 2.42 -22.67
CA SER A 16 23.13 3.15 -23.50
C SER A 16 24.17 3.88 -22.60
N SER A 17 25.41 3.50 -22.75
CA SER A 17 26.52 3.90 -21.92
C SER A 17 27.40 4.86 -22.73
N PHE A 18 27.55 6.07 -22.23
CA PHE A 18 28.29 7.14 -22.91
C PHE A 18 29.59 7.45 -22.09
N THR A 19 30.72 6.98 -22.64
CA THR A 19 32.05 7.10 -22.01
C THR A 19 32.62 8.44 -22.30
N ASN A 20 32.60 8.83 -23.56
CA ASN A 20 33.01 10.12 -24.00
C ASN A 20 32.42 10.46 -25.35
N SER A 21 32.80 11.60 -25.98
CA SER A 21 32.11 12.06 -27.21
C SER A 21 32.33 11.06 -28.28
N THR A 22 33.39 10.33 -28.19
CA THR A 22 33.68 9.29 -29.26
C THR A 22 33.00 7.92 -29.14
N TRP A 23 32.72 7.54 -27.89
CA TRP A 23 32.43 6.22 -27.55
C TRP A 23 31.07 6.08 -26.82
N ALA A 24 30.05 5.59 -27.53
CA ALA A 24 28.76 5.24 -26.93
C ALA A 24 28.61 3.75 -27.21
N GLN A 25 27.92 3.04 -26.32
CA GLN A 25 27.58 1.64 -26.60
C GLN A 25 26.10 1.41 -26.19
N THR A 26 25.33 0.67 -26.96
CA THR A 26 23.97 0.36 -26.55
C THR A 26 23.75 -1.14 -26.47
N GLN A 27 23.10 -1.64 -25.43
CA GLN A 27 22.77 -3.06 -25.25
C GLN A 27 21.23 -3.11 -25.22
N GLY A 28 20.67 -4.09 -25.88
CA GLY A 28 19.16 -4.14 -25.99
C GLY A 28 18.65 -5.56 -25.94
N SER A 29 17.36 -5.79 -25.61
CA SER A 29 16.81 -7.16 -25.55
C SER A 29 15.33 -7.10 -25.40
N GLY A 30 14.64 -8.19 -25.67
CA GLY A 30 13.17 -8.31 -25.54
C GLY A 30 12.86 -9.44 -24.59
N TRP A 31 11.79 -9.27 -23.82
CA TRP A 31 11.44 -10.10 -22.65
C TRP A 31 10.00 -10.37 -22.54
N LEU A 32 9.63 -11.59 -22.10
CA LEU A 32 8.30 -11.82 -21.57
C LEU A 32 8.41 -12.02 -20.03
N ASP A 33 7.88 -11.06 -19.30
CA ASP A 33 8.19 -10.90 -17.87
C ASP A 33 9.71 -10.90 -17.78
N ASP A 34 10.26 -11.93 -17.11
CA ASP A 34 11.65 -12.30 -16.81
C ASP A 34 12.40 -13.16 -17.80
N LEU A 35 11.71 -13.66 -18.84
CA LEU A 35 12.26 -14.62 -19.74
C LEU A 35 12.71 -13.92 -21.02
N GLN A 36 13.98 -14.03 -21.37
CA GLN A 36 14.47 -13.32 -22.57
C GLN A 36 14.02 -14.07 -23.81
N ILE A 37 13.45 -13.36 -24.77
CA ILE A 37 13.05 -13.93 -26.05
C ILE A 37 13.68 -13.29 -27.31
N HIS A 38 14.30 -12.10 -27.15
CA HIS A 38 15.11 -11.43 -28.20
C HIS A 38 16.38 -10.94 -27.61
N GLY A 39 17.45 -11.11 -28.37
CA GLY A 39 18.67 -10.39 -28.23
C GLY A 39 18.81 -9.33 -29.32
N TRP A 40 19.92 -8.60 -29.19
CA TRP A 40 20.28 -7.48 -30.08
C TRP A 40 21.75 -7.37 -30.29
N ASP A 41 22.12 -7.50 -31.57
CA ASP A 41 23.51 -7.37 -31.96
C ASP A 41 23.78 -5.91 -32.24
N SER A 42 24.54 -5.28 -31.33
CA SER A 42 24.73 -3.80 -31.31
C SER A 42 25.39 -3.14 -32.56
N ASP A 43 26.46 -3.75 -32.96
CA ASP A 43 27.24 -3.31 -34.13
C ASP A 43 26.45 -3.35 -35.46
N SER A 44 25.76 -4.44 -35.81
CA SER A 44 24.93 -4.43 -37.02
C SER A 44 23.57 -3.73 -36.79
N GLY A 45 23.07 -3.72 -35.57
CA GLY A 45 21.70 -3.19 -35.33
C GLY A 45 20.63 -4.12 -35.80
N THR A 46 20.73 -5.42 -35.41
CA THR A 46 19.79 -6.43 -35.79
C THR A 46 19.35 -7.28 -34.56
N ALA A 47 18.16 -7.88 -34.67
CA ALA A 47 17.58 -8.71 -33.60
C ALA A 47 18.12 -10.14 -33.69
N ILE A 48 18.19 -10.81 -32.56
CA ILE A 48 18.52 -12.23 -32.45
C ILE A 48 17.27 -12.91 -31.82
N PHE A 49 16.67 -13.83 -32.52
CA PHE A 49 15.44 -14.48 -32.09
C PHE A 49 15.78 -15.71 -31.31
N LEU A 50 15.50 -15.72 -30.03
CA LEU A 50 16.03 -16.72 -29.18
C LEU A 50 15.15 -17.97 -29.11
N LYS A 51 13.89 -17.90 -29.53
CA LYS A 51 12.99 -19.06 -29.49
C LYS A 51 12.40 -19.15 -30.89
N PRO A 52 11.97 -20.34 -31.28
CA PRO A 52 11.39 -20.51 -32.65
C PRO A 52 10.08 -19.79 -32.82
N TRP A 53 9.41 -19.41 -31.71
CA TRP A 53 8.19 -18.59 -31.76
C TRP A 53 8.35 -17.14 -31.36
N SER A 54 9.57 -16.63 -31.29
CA SER A 54 9.84 -15.22 -30.78
C SER A 54 9.24 -14.15 -31.74
N LYS A 55 8.91 -14.51 -33.00
CA LYS A 55 8.23 -13.56 -33.91
C LYS A 55 6.70 -13.50 -33.73
N GLY A 56 6.17 -14.38 -32.88
CA GLY A 56 4.79 -14.32 -32.56
C GLY A 56 3.97 -14.64 -33.77
N ASN A 57 2.95 -13.83 -34.04
CA ASN A 57 2.18 -14.01 -35.28
C ASN A 57 2.51 -12.90 -36.31
N PHE A 58 3.62 -12.19 -36.15
CA PHE A 58 3.99 -11.15 -37.09
C PHE A 58 4.66 -11.70 -38.35
N SER A 59 4.43 -11.04 -39.47
CA SER A 59 5.08 -11.43 -40.77
C SER A 59 6.58 -11.09 -40.70
N ASP A 60 7.39 -11.80 -41.49
CA ASP A 60 8.84 -11.48 -41.64
C ASP A 60 9.07 -10.05 -42.08
N LYS A 61 8.17 -9.51 -42.87
CA LYS A 61 8.23 -8.12 -43.30
C LYS A 61 7.99 -7.11 -42.13
N GLU A 62 6.96 -7.30 -41.31
CA GLU A 62 6.67 -6.40 -40.23
C GLU A 62 7.85 -6.51 -39.23
N VAL A 63 8.39 -7.71 -38.99
CA VAL A 63 9.53 -7.86 -38.07
C VAL A 63 10.75 -7.09 -38.60
N ALA A 64 11.07 -7.23 -39.88
CA ALA A 64 12.21 -6.46 -40.46
C ALA A 64 12.00 -4.94 -40.38
N GLU A 65 10.78 -4.49 -40.56
CA GLU A 65 10.49 -3.11 -40.42
C GLU A 65 10.62 -2.61 -38.93
N LEU A 66 10.17 -3.40 -37.97
CA LEU A 66 10.39 -3.05 -36.58
C LEU A 66 11.92 -3.02 -36.23
N GLU A 67 12.69 -3.97 -36.75
CA GLU A 67 14.11 -3.93 -36.49
C GLU A 67 14.76 -2.66 -37.07
N GLU A 68 14.32 -2.25 -38.28
CA GLU A 68 14.75 -0.98 -38.86
C GLU A 68 14.42 0.20 -37.98
N ILE A 69 13.18 0.27 -37.49
CA ILE A 69 12.84 1.33 -36.52
C ILE A 69 13.81 1.34 -35.34
N PHE A 70 14.06 0.19 -34.71
CA PHE A 70 14.88 0.20 -33.52
C PHE A 70 16.36 0.54 -33.85
N ARG A 71 16.89 0.05 -34.98
CA ARG A 71 18.24 0.40 -35.47
C ARG A 71 18.47 1.87 -35.64
N VAL A 72 17.53 2.51 -36.31
CA VAL A 72 17.61 3.89 -36.59
C VAL A 72 17.44 4.75 -35.32
N TYR A 73 16.54 4.31 -34.46
CA TYR A 73 16.37 4.91 -33.09
C TYR A 73 17.67 4.82 -32.32
N ILE A 74 18.28 3.63 -32.22
CA ILE A 74 19.43 3.48 -31.37
C ILE A 74 20.65 4.35 -31.82
N PHE A 75 21.01 4.30 -33.09
CA PHE A 75 22.15 5.14 -33.61
C PHE A 75 21.86 6.58 -33.59
N GLY A 76 20.63 6.92 -33.92
CA GLY A 76 20.16 8.31 -33.94
C GLY A 76 20.12 8.95 -32.61
N PHE A 77 19.61 8.20 -31.66
CA PHE A 77 19.56 8.64 -30.28
C PHE A 77 20.96 8.84 -29.71
N ALA A 78 21.82 7.87 -29.90
CA ALA A 78 23.18 7.97 -29.39
C ALA A 78 23.91 9.19 -29.97
N ARG A 79 23.78 9.38 -31.29
CA ARG A 79 24.39 10.55 -31.94
C ARG A 79 23.85 11.83 -31.39
N GLU A 80 22.54 11.95 -31.28
CA GLU A 80 21.92 13.21 -30.77
C GLU A 80 22.36 13.52 -29.31
N VAL A 81 22.35 12.50 -28.45
CA VAL A 81 22.81 12.65 -27.07
C VAL A 81 24.21 13.24 -27.04
N GLN A 82 25.12 12.74 -27.85
CA GLN A 82 26.48 13.18 -27.92
C GLN A 82 26.62 14.57 -28.43
N ASP A 83 25.85 14.91 -29.44
CA ASP A 83 25.80 16.24 -29.98
C ASP A 83 25.15 17.27 -29.01
N PHE A 84 24.20 16.88 -28.17
CA PHE A 84 23.57 17.81 -27.20
C PHE A 84 24.11 17.70 -25.73
N ALA A 85 25.06 16.84 -25.49
CA ALA A 85 25.56 16.64 -24.14
C ALA A 85 26.05 17.98 -23.49
N GLY A 86 26.80 18.77 -24.23
CA GLY A 86 27.21 20.17 -23.81
C GLY A 86 26.03 21.03 -23.38
N ASP A 87 25.08 21.22 -24.26
CA ASP A 87 23.80 21.96 -23.95
C ASP A 87 23.12 21.48 -22.71
N PHE A 88 23.09 20.16 -22.48
CA PHE A 88 22.32 19.60 -21.32
C PHE A 88 23.23 19.47 -20.05
N GLN A 89 24.43 20.02 -20.18
CA GLN A 89 25.42 20.03 -19.10
C GLN A 89 25.71 18.66 -18.53
N MET A 90 25.93 17.68 -19.42
CA MET A 90 26.21 16.30 -19.00
C MET A 90 27.67 16.17 -18.66
N LYS A 91 27.98 15.41 -17.64
CA LYS A 91 29.37 15.04 -17.38
C LYS A 91 29.57 13.57 -17.74
N TYR A 92 30.64 13.23 -18.47
CA TYR A 92 30.95 11.86 -18.71
C TYR A 92 31.63 11.18 -17.56
N PRO A 93 31.48 9.85 -17.37
CA PRO A 93 30.64 9.01 -18.15
C PRO A 93 29.20 9.08 -17.63
N PHE A 94 28.21 8.74 -18.45
CA PHE A 94 26.84 8.64 -17.96
C PHE A 94 26.12 7.50 -18.70
N GLU A 95 24.99 7.09 -18.14
CA GLU A 95 24.27 5.92 -18.60
C GLU A 95 22.81 6.13 -18.61
N ILE A 96 22.22 5.83 -19.76
CA ILE A 96 20.77 6.00 -19.98
C ILE A 96 20.09 4.67 -20.15
N GLN A 97 18.91 4.51 -19.57
CA GLN A 97 18.16 3.30 -19.73
C GLN A 97 16.75 3.58 -20.17
N GLY A 98 16.14 2.57 -20.80
CA GLY A 98 14.78 2.61 -21.26
C GLY A 98 14.11 1.30 -21.17
N ILE A 99 12.78 1.37 -21.01
CA ILE A 99 11.95 0.22 -21.02
C ILE A 99 10.61 0.60 -21.62
N ALA A 100 10.08 -0.28 -22.47
CA ALA A 100 8.77 -0.02 -23.09
C ALA A 100 8.09 -1.30 -23.43
N GLY A 101 6.77 -1.31 -23.30
CA GLY A 101 6.03 -2.55 -23.58
C GLY A 101 4.60 -2.51 -23.08
N CYS A 102 4.00 -3.69 -22.89
CA CYS A 102 2.57 -3.72 -22.57
C CYS A 102 2.31 -5.00 -21.76
N GLU A 103 1.15 -5.00 -21.11
CA GLU A 103 0.83 -6.05 -20.14
C GLU A 103 -0.66 -6.36 -20.14
N LEU A 104 -0.96 -7.64 -20.07
CA LEU A 104 -2.35 -8.09 -20.17
C LEU A 104 -2.93 -8.15 -18.73
N HIS A 105 -4.01 -7.44 -18.44
CA HIS A 105 -4.66 -7.55 -17.08
C HIS A 105 -5.78 -8.55 -17.06
N SER A 106 -6.05 -9.08 -15.85
CA SER A 106 -6.96 -10.21 -15.62
C SER A 106 -8.28 -10.04 -16.35
N GLY A 107 -8.79 -8.81 -16.52
CA GLY A 107 -10.05 -8.64 -17.26
C GLY A 107 -10.00 -8.55 -18.78
N GLY A 108 -8.83 -8.78 -19.39
CA GLY A 108 -8.67 -8.53 -20.85
C GLY A 108 -8.11 -7.16 -21.26
N ALA A 109 -7.96 -6.25 -20.30
CA ALA A 109 -7.41 -4.92 -20.58
C ALA A 109 -5.87 -5.08 -20.81
N ILE A 110 -5.32 -4.36 -21.79
CA ILE A 110 -3.87 -4.32 -22.04
C ILE A 110 -3.38 -2.91 -21.74
N VAL A 111 -2.45 -2.80 -20.84
CA VAL A 111 -1.94 -1.50 -20.48
C VAL A 111 -0.50 -1.35 -21.00
N SER A 112 -0.21 -0.25 -21.66
CA SER A 112 1.14 0.01 -22.24
C SER A 112 1.92 0.98 -21.33
N PHE A 113 3.23 0.96 -21.43
CA PHE A 113 4.12 1.80 -20.57
C PHE A 113 5.40 2.12 -21.30
N LEU A 114 6.02 3.20 -20.96
CA LEU A 114 7.34 3.51 -21.40
C LEU A 114 7.98 4.33 -20.30
N ARG A 115 9.20 3.98 -19.88
CA ARG A 115 9.96 4.78 -18.91
C ARG A 115 11.39 4.92 -19.30
N GLY A 116 11.99 6.05 -18.95
CA GLY A 116 13.38 6.25 -19.15
C GLY A 116 14.04 6.69 -17.84
N ALA A 117 15.34 6.45 -17.81
CA ALA A 117 16.28 6.72 -16.67
C ALA A 117 17.59 7.33 -17.12
N LEU A 118 18.17 8.09 -16.20
CA LEU A 118 19.48 8.63 -16.24
C LEU A 118 20.09 8.54 -14.83
N GLY A 119 21.31 8.08 -14.75
CA GLY A 119 22.01 7.99 -13.45
C GLY A 119 21.35 7.02 -12.49
N GLY A 120 20.67 6.04 -13.06
CA GLY A 120 19.96 5.01 -12.31
C GLY A 120 18.70 5.52 -11.55
N LEU A 121 18.16 6.68 -11.98
CA LEU A 121 16.96 7.29 -11.43
C LEU A 121 15.95 7.61 -12.55
N ASP A 122 14.67 7.52 -12.24
CA ASP A 122 13.59 7.95 -13.14
C ASP A 122 13.95 9.25 -13.79
N PHE A 123 13.74 9.31 -15.10
CA PHE A 123 13.96 10.56 -15.89
C PHE A 123 12.69 11.00 -16.63
N LEU A 124 12.02 10.10 -17.31
CA LEU A 124 10.73 10.40 -18.01
C LEU A 124 9.86 9.21 -18.08
N SER A 125 8.58 9.44 -18.35
CA SER A 125 7.65 8.36 -18.74
C SER A 125 6.68 8.84 -19.80
N VAL A 126 5.98 7.91 -20.42
CA VAL A 126 4.90 8.33 -21.38
C VAL A 126 3.59 8.03 -20.68
N LYS A 127 2.74 9.07 -20.57
CA LYS A 127 1.40 8.93 -19.94
C LYS A 127 0.41 9.56 -20.90
N ASN A 128 -0.55 8.74 -21.28
CA ASN A 128 -1.56 9.04 -22.33
C ASN A 128 -0.96 9.78 -23.51
N ALA A 129 -0.03 9.11 -24.17
CA ALA A 129 0.52 9.62 -25.38
C ALA A 129 1.41 10.84 -25.28
N SER A 130 1.69 11.34 -24.07
CA SER A 130 2.66 12.41 -23.93
C SER A 130 3.91 12.06 -23.09
N CYS A 131 4.95 12.84 -23.35
CA CYS A 131 6.27 12.74 -22.60
C CYS A 131 6.09 13.50 -21.29
N VAL A 132 6.21 12.80 -20.19
CA VAL A 132 6.07 13.41 -18.86
C VAL A 132 7.41 13.34 -18.11
N PRO A 133 7.97 14.50 -17.75
CA PRO A 133 9.22 14.45 -17.05
C PRO A 133 9.05 13.99 -15.63
N SER A 134 9.99 13.21 -15.14
CA SER A 134 9.97 12.78 -13.77
C SER A 134 10.67 13.79 -12.87
N PRO A 135 10.21 13.83 -11.61
CA PRO A 135 10.79 14.81 -10.65
C PRO A 135 12.31 14.63 -10.49
N GLU A 136 12.78 13.38 -10.43
CA GLU A 136 14.20 13.13 -10.24
C GLU A 136 14.99 13.62 -11.42
N GLY A 137 14.40 13.66 -12.62
CA GLY A 137 15.15 14.24 -13.79
C GLY A 137 15.29 15.76 -13.85
N GLY A 138 14.57 16.47 -12.97
CA GLY A 138 14.80 17.91 -12.85
C GLY A 138 14.48 18.70 -14.13
N SER A 139 15.21 19.80 -14.31
CA SER A 139 15.04 20.76 -15.45
C SER A 139 15.58 20.11 -16.74
N ARG A 140 16.53 19.19 -16.60
CA ARG A 140 16.96 18.44 -17.72
C ARG A 140 15.84 17.64 -18.36
N ALA A 141 15.02 16.94 -17.57
CA ALA A 141 13.96 16.14 -18.12
C ALA A 141 12.90 17.09 -18.74
N GLN A 142 12.62 18.19 -18.07
CA GLN A 142 11.71 19.19 -18.72
C GLN A 142 12.14 19.66 -20.07
N LYS A 143 13.42 19.95 -20.20
CA LYS A 143 14.01 20.39 -21.47
C LYS A 143 13.86 19.27 -22.48
N PHE A 144 14.18 18.07 -22.09
CA PHE A 144 14.09 16.92 -22.94
C PHE A 144 12.67 16.71 -23.53
N CYS A 145 11.61 16.75 -22.69
CA CYS A 145 10.25 16.58 -23.13
C CYS A 145 9.74 17.81 -24.01
N ALA A 146 10.30 18.99 -23.77
CA ALA A 146 9.96 20.20 -24.56
C ALA A 146 10.64 20.09 -25.92
N LEU A 147 11.72 19.38 -25.99
CA LEU A 147 12.45 19.22 -27.23
C LEU A 147 12.00 18.08 -28.15
N ILE A 148 11.58 16.97 -27.58
CA ILE A 148 11.29 15.80 -28.38
C ILE A 148 10.10 16.00 -29.38
N ILE A 149 9.14 16.84 -29.03
CA ILE A 149 7.96 17.16 -29.85
C ILE A 149 8.36 17.90 -31.17
N GLN A 150 9.59 18.43 -31.26
CA GLN A 150 10.09 19.12 -32.49
C GLN A 150 10.53 18.22 -33.58
N TYR A 151 10.65 16.92 -33.29
CA TYR A 151 11.19 15.92 -34.25
C TYR A 151 10.05 15.27 -35.02
N GLN A 152 10.11 15.36 -36.33
CA GLN A 152 9.11 14.78 -37.18
C GLN A 152 8.94 13.29 -36.90
N GLY A 153 7.70 12.90 -36.68
CA GLY A 153 7.25 11.52 -36.55
C GLY A 153 7.57 10.78 -35.25
N ILE A 154 8.34 11.37 -34.32
CA ILE A 154 8.78 10.62 -33.16
C ILE A 154 7.64 10.29 -32.28
N MET A 155 6.86 11.32 -31.89
CA MET A 155 5.78 11.07 -30.92
C MET A 155 4.64 10.23 -31.53
N GLU A 156 4.34 10.41 -32.81
CA GLU A 156 3.34 9.54 -33.44
C GLU A 156 3.80 8.03 -33.57
N THR A 157 5.05 7.82 -33.83
CA THR A 157 5.61 6.47 -33.94
C THR A 157 5.58 5.80 -32.56
N VAL A 158 5.95 6.54 -31.49
CA VAL A 158 5.94 5.98 -30.14
C VAL A 158 4.51 5.62 -29.79
N ARG A 159 3.54 6.47 -30.17
N ARG A 159 3.53 6.44 -30.16
CA ARG A 159 2.09 6.21 -29.91
CA ARG A 159 2.12 6.12 -29.88
C ARG A 159 1.63 4.91 -30.58
C ARG A 159 1.63 4.86 -30.58
N ILE A 160 1.93 4.75 -31.86
CA ILE A 160 1.53 3.57 -32.63
C ILE A 160 2.23 2.33 -32.07
N LEU A 161 3.51 2.39 -31.79
CA LEU A 161 4.16 1.21 -31.23
C LEU A 161 3.60 0.82 -29.87
N LEU A 162 3.38 1.77 -28.97
CA LEU A 162 2.92 1.40 -27.65
C LEU A 162 1.43 0.88 -27.67
N TYR A 163 0.55 1.59 -28.34
CA TYR A 163 -0.85 1.38 -28.16
C TYR A 163 -1.44 0.53 -29.28
N GLU A 164 -0.75 0.31 -30.40
CA GLU A 164 -1.33 -0.48 -31.50
C GLU A 164 -0.50 -1.68 -31.75
N THR A 165 0.81 -1.50 -31.89
CA THR A 165 1.64 -2.63 -32.26
C THR A 165 1.86 -3.57 -31.07
N CYS A 166 2.28 -3.02 -29.94
CA CYS A 166 2.60 -3.88 -28.77
C CYS A 166 1.43 -4.79 -28.34
N PRO A 167 0.17 -4.31 -28.26
CA PRO A 167 -0.91 -5.24 -27.80
C PRO A 167 -1.13 -6.39 -28.79
N ARG A 168 -1.00 -6.12 -30.09
CA ARG A 168 -1.07 -7.18 -31.15
C ARG A 168 -0.01 -8.19 -31.00
N TYR A 169 1.22 -7.70 -30.78
CA TYR A 169 2.35 -8.55 -30.65
C TYR A 169 2.18 -9.39 -29.43
N LEU A 170 1.86 -8.75 -28.29
CA LEU A 170 1.77 -9.53 -27.03
C LEU A 170 0.78 -10.68 -27.13
N LEU A 171 -0.43 -10.45 -27.63
CA LEU A 171 -1.42 -11.59 -27.67
C LEU A 171 -0.90 -12.65 -28.64
N GLY A 172 -0.33 -12.21 -29.76
CA GLY A 172 0.20 -13.19 -30.71
C GLY A 172 1.34 -14.05 -30.20
N VAL A 173 2.24 -13.49 -29.36
CA VAL A 173 3.40 -14.26 -28.96
C VAL A 173 3.05 -15.14 -27.75
N LEU A 174 2.17 -14.66 -26.87
CA LEU A 174 1.68 -15.51 -25.73
C LEU A 174 0.96 -16.72 -26.30
N ASN A 175 0.22 -16.53 -27.39
CA ASN A 175 -0.37 -17.72 -28.08
C ASN A 175 0.66 -18.65 -28.79
N ALA A 176 1.58 -18.09 -29.62
CA ALA A 176 2.63 -18.82 -30.27
C ALA A 176 3.54 -19.60 -29.36
N GLY A 177 3.87 -19.08 -28.19
CA GLY A 177 4.81 -19.73 -27.33
C GLY A 177 4.17 -20.50 -26.19
N LYS A 178 2.86 -20.71 -26.24
CA LYS A 178 2.12 -21.20 -25.13
C LYS A 178 2.59 -22.58 -24.66
N ALA A 179 3.05 -23.43 -25.57
CA ALA A 179 3.56 -24.78 -25.19
C ALA A 179 4.77 -24.66 -24.22
N ASP A 180 5.68 -23.71 -24.45
CA ASP A 180 6.78 -23.41 -23.50
C ASP A 180 6.38 -22.59 -22.32
N LEU A 181 5.60 -21.54 -22.58
CA LEU A 181 5.28 -20.56 -21.57
C LEU A 181 4.33 -21.12 -20.48
N GLN A 182 3.46 -22.07 -20.81
CA GLN A 182 2.51 -22.61 -19.80
C GLN A 182 2.86 -24.03 -19.37
N ARG A 183 4.07 -24.47 -19.68
CA ARG A 183 4.54 -25.79 -19.23
C ARG A 183 4.79 -25.80 -17.75
N GLN A 184 4.64 -26.96 -17.11
CA GLN A 184 4.84 -27.02 -15.65
C GLN A 184 6.06 -27.87 -15.48
N VAL A 185 6.99 -27.47 -14.65
CA VAL A 185 8.25 -28.22 -14.48
C VAL A 185 8.42 -28.39 -12.97
N LYS A 186 8.58 -29.64 -12.52
CA LYS A 186 8.55 -29.92 -11.11
C LYS A 186 9.93 -29.69 -10.49
N PRO A 187 9.99 -29.12 -9.30
CA PRO A 187 11.28 -28.97 -8.63
C PRO A 187 11.81 -30.22 -7.96
N GLU A 188 13.11 -30.22 -7.76
CA GLU A 188 13.75 -31.05 -6.73
C GLU A 188 13.98 -30.22 -5.49
N ALA A 189 14.08 -30.91 -4.36
CA ALA A 189 14.33 -30.28 -3.10
C ALA A 189 15.28 -31.11 -2.22
N TRP A 190 16.01 -30.44 -1.34
CA TRP A 190 16.98 -31.12 -0.51
C TRP A 190 17.33 -30.25 0.66
N LEU A 191 17.87 -30.87 1.73
CA LEU A 191 18.18 -30.22 3.00
C LEU A 191 19.67 -30.17 3.26
N SER A 192 20.13 -29.18 4.03
CA SER A 192 21.51 -29.09 4.51
C SER A 192 21.50 -28.31 5.81
N SER A 193 22.63 -28.37 6.47
CA SER A 193 22.89 -27.62 7.69
C SER A 193 23.78 -26.50 7.34
N GLY A 194 23.32 -25.27 7.53
CA GLY A 194 24.05 -24.09 7.10
C GLY A 194 25.08 -23.59 8.10
N PRO A 195 25.84 -22.54 7.75
CA PRO A 195 26.72 -21.95 8.80
C PRO A 195 25.95 -21.73 10.14
N SER A 196 26.56 -22.12 11.28
CA SER A 196 25.85 -21.92 12.56
C SER A 196 25.39 -20.48 12.71
N PRO A 197 24.11 -20.25 13.12
CA PRO A 197 23.74 -18.89 13.48
C PRO A 197 24.09 -18.53 14.94
N GLY A 198 24.80 -19.39 15.64
CA GLY A 198 25.27 -19.12 17.00
C GLY A 198 25.37 -20.38 17.87
N PRO A 199 25.97 -20.24 19.06
CA PRO A 199 26.06 -21.33 20.02
C PRO A 199 24.78 -22.19 20.28
N GLY A 200 24.91 -23.50 20.10
CA GLY A 200 23.81 -24.43 20.39
C GLY A 200 22.66 -24.34 19.37
N ARG A 201 22.88 -23.56 18.28
CA ARG A 201 21.88 -23.28 17.23
C ARG A 201 22.30 -23.93 15.90
N LEU A 202 21.32 -24.31 15.13
CA LEU A 202 21.49 -24.85 13.85
C LEU A 202 20.70 -23.99 12.91
N GLN A 203 21.24 -23.88 11.71
CA GLN A 203 20.56 -23.27 10.57
C GLN A 203 20.12 -24.42 9.66
N LEU A 204 18.82 -24.66 9.62
CA LEU A 204 18.28 -25.69 8.76
C LEU A 204 17.97 -24.99 7.36
N VAL A 205 18.50 -25.57 6.28
CA VAL A 205 18.32 -25.00 4.91
C VAL A 205 17.51 -25.97 4.05
N CYS A 206 16.39 -25.50 3.52
CA CYS A 206 15.65 -26.28 2.59
C CYS A 206 15.85 -25.61 1.22
N HIS A 207 16.39 -26.35 0.25
CA HIS A 207 16.66 -25.84 -1.13
C HIS A 207 15.63 -26.41 -2.06
N VAL A 208 15.10 -25.56 -2.95
CA VAL A 208 14.11 -25.91 -3.98
C VAL A 208 14.65 -25.40 -5.30
N SER A 209 14.94 -26.31 -6.24
CA SER A 209 15.50 -25.92 -7.50
C SER A 209 14.89 -26.60 -8.72
N GLY A 210 14.77 -25.82 -9.82
CA GLY A 210 14.28 -26.34 -11.06
C GLY A 210 12.79 -26.27 -11.32
N PHE A 211 12.08 -25.48 -10.50
CA PHE A 211 10.67 -25.16 -10.78
C PHE A 211 10.37 -24.12 -11.86
N TYR A 212 9.27 -24.37 -12.58
CA TYR A 212 8.69 -23.35 -13.51
C TYR A 212 7.15 -23.65 -13.54
N PRO A 213 6.29 -22.64 -13.43
CA PRO A 213 6.56 -21.21 -13.35
C PRO A 213 7.13 -20.77 -12.02
N LYS A 214 7.26 -19.45 -11.86
CA LYS A 214 7.98 -18.91 -10.71
C LYS A 214 7.31 -18.95 -9.32
N PRO A 215 5.96 -18.74 -9.24
CA PRO A 215 5.35 -18.74 -7.90
C PRO A 215 5.49 -20.12 -7.24
N VAL A 216 5.91 -20.11 -5.98
CA VAL A 216 6.24 -21.29 -5.21
C VAL A 216 5.95 -20.98 -3.74
N TRP A 217 5.72 -22.03 -2.95
CA TRP A 217 5.48 -21.91 -1.49
C TRP A 217 6.39 -22.86 -0.75
N VAL A 218 7.10 -22.37 0.25
CA VAL A 218 8.07 -23.19 0.94
C VAL A 218 8.02 -22.80 2.40
N MET A 219 7.81 -23.78 3.29
CA MET A 219 7.79 -23.48 4.76
C MET A 219 8.42 -24.57 5.59
N TRP A 220 9.10 -24.21 6.67
CA TRP A 220 9.44 -25.17 7.68
C TRP A 220 8.26 -25.37 8.63
N MET A 221 8.15 -26.63 9.10
CA MET A 221 7.00 -27.17 9.86
C MET A 221 7.45 -28.14 10.92
N ARG A 222 6.58 -28.25 11.92
CA ARG A 222 6.63 -29.27 12.98
C ARG A 222 5.24 -29.90 12.90
N GLY A 223 5.17 -30.98 12.15
CA GLY A 223 3.92 -31.61 11.77
C GLY A 223 3.03 -30.73 10.94
N GLU A 224 1.87 -30.40 11.49
CA GLU A 224 0.92 -29.53 10.79
C GLU A 224 1.16 -28.05 11.12
N GLN A 225 2.11 -27.79 12.01
CA GLN A 225 2.39 -26.44 12.51
C GLN A 225 3.46 -25.64 11.69
N GLU A 226 3.07 -24.56 11.04
CA GLU A 226 4.07 -23.68 10.34
C GLU A 226 4.97 -23.02 11.32
N GLN A 227 6.26 -23.06 11.04
CA GLN A 227 7.27 -22.33 11.86
C GLN A 227 7.44 -20.91 11.34
N GLN A 228 6.97 -19.95 12.14
CA GLN A 228 6.86 -18.56 11.70
C GLN A 228 8.22 -17.92 11.55
N GLY A 229 9.23 -18.49 12.20
CA GLY A 229 10.66 -18.15 12.01
C GLY A 229 11.31 -18.47 10.64
N THR A 230 10.59 -19.18 9.77
CA THR A 230 11.05 -19.39 8.40
C THR A 230 11.42 -18.04 7.72
N GLN A 231 12.66 -18.02 7.20
CA GLN A 231 13.14 -16.93 6.37
C GLN A 231 13.34 -17.42 4.91
N LEU A 232 12.70 -16.77 3.95
CA LEU A 232 12.85 -17.12 2.56
C LEU A 232 14.00 -16.30 1.96
N GLY A 233 14.85 -16.94 1.18
CA GLY A 233 15.80 -16.18 0.37
C GLY A 233 15.14 -15.53 -0.85
N ASP A 234 15.97 -14.93 -1.70
CA ASP A 234 15.57 -14.42 -3.02
C ASP A 234 15.29 -15.56 -3.96
N ILE A 235 14.32 -15.40 -4.86
CA ILE A 235 14.17 -16.42 -5.94
C ILE A 235 15.25 -16.10 -6.97
N LEU A 236 16.10 -17.08 -7.32
CA LEU A 236 17.27 -16.84 -8.15
C LEU A 236 17.14 -17.64 -9.40
N PRO A 237 17.68 -17.16 -10.52
CA PRO A 237 17.53 -17.89 -11.77
C PRO A 237 18.50 -19.03 -11.99
N ASN A 238 18.02 -20.10 -12.62
CA ASN A 238 18.97 -21.04 -13.25
C ASN A 238 19.00 -20.65 -14.70
N ALA A 239 19.91 -21.22 -15.49
CA ALA A 239 20.03 -20.76 -16.91
C ALA A 239 18.98 -21.38 -17.85
N ASN A 240 18.20 -22.33 -17.40
CA ASN A 240 17.30 -23.13 -18.28
C ASN A 240 15.79 -22.76 -18.15
N TRP A 241 15.52 -21.52 -17.85
CA TRP A 241 14.12 -21.15 -17.54
C TRP A 241 13.48 -21.89 -16.33
N THR A 242 14.25 -22.02 -15.28
CA THR A 242 13.74 -22.48 -14.01
C THR A 242 14.37 -21.62 -12.91
N TRP A 243 13.85 -21.77 -11.73
CA TRP A 243 14.31 -20.99 -10.54
C TRP A 243 14.83 -21.81 -9.38
N TYR A 244 15.42 -21.12 -8.41
CA TYR A 244 16.09 -21.67 -7.26
C TYR A 244 15.70 -20.79 -6.06
N LEU A 245 15.45 -21.39 -4.89
CA LEU A 245 15.09 -20.63 -3.69
C LEU A 245 15.54 -21.49 -2.46
N ARG A 246 15.99 -20.84 -1.38
CA ARG A 246 16.15 -21.46 -0.10
C ARG A 246 15.25 -20.83 0.96
N ALA A 247 14.89 -21.66 1.96
CA ALA A 247 14.14 -21.26 3.14
C ALA A 247 14.95 -21.77 4.32
N THR A 248 15.27 -20.90 5.28
CA THR A 248 16.14 -21.21 6.42
C THR A 248 15.34 -21.05 7.77
N LEU A 249 15.75 -21.84 8.73
CA LEU A 249 15.14 -21.81 10.07
C LEU A 249 16.27 -21.98 11.06
N ASP A 250 16.39 -21.00 11.95
CA ASP A 250 17.38 -21.00 13.02
C ASP A 250 16.70 -21.69 14.24
N VAL A 251 17.23 -22.85 14.64
CA VAL A 251 16.58 -23.73 15.66
C VAL A 251 17.61 -24.17 16.71
N ALA A 252 17.16 -24.47 17.95
CA ALA A 252 18.04 -25.02 18.97
C ALA A 252 18.65 -26.41 18.56
N ASP A 253 19.94 -26.65 18.86
CA ASP A 253 20.68 -27.92 18.47
C ASP A 253 20.00 -29.25 18.82
N GLY A 254 19.13 -29.24 19.84
CA GLY A 254 18.25 -30.38 20.14
C GLY A 254 16.82 -30.30 19.59
N GLU A 255 16.46 -29.21 18.92
CA GLU A 255 15.06 -29.01 18.46
C GLU A 255 14.79 -29.41 16.96
N ALA A 256 15.81 -29.86 16.25
CA ALA A 256 15.66 -30.18 14.84
C ALA A 256 14.69 -31.37 14.62
N ALA A 257 14.75 -32.42 15.45
CA ALA A 257 13.93 -33.63 15.21
C ALA A 257 12.43 -33.29 15.19
N GLY A 258 11.64 -33.93 14.33
CA GLY A 258 10.20 -33.52 14.16
C GLY A 258 9.99 -32.39 13.13
N LEU A 259 11.07 -31.68 12.79
CA LEU A 259 11.00 -30.67 11.73
C LEU A 259 11.12 -31.27 10.31
N SER A 260 10.30 -30.67 9.43
CA SER A 260 10.16 -31.02 8.05
C SER A 260 10.04 -29.70 7.20
N CYS A 261 10.53 -29.74 5.98
CA CYS A 261 10.39 -28.61 5.00
C CYS A 261 9.22 -29.01 4.11
N ARG A 262 8.24 -28.15 3.93
CA ARG A 262 7.15 -28.48 2.98
C ARG A 262 7.17 -27.55 1.77
N VAL A 263 7.12 -28.13 0.58
CA VAL A 263 7.05 -27.39 -0.66
C VAL A 263 5.73 -27.62 -1.43
N LYS A 264 5.06 -26.53 -1.80
CA LYS A 264 3.92 -26.56 -2.69
C LYS A 264 4.21 -25.78 -3.99
N HIS A 265 3.77 -26.32 -5.12
CA HIS A 265 4.00 -25.71 -6.43
C HIS A 265 2.92 -26.11 -7.38
N SER A 266 2.62 -25.23 -8.33
CA SER A 266 1.62 -25.46 -9.38
C SER A 266 1.82 -26.73 -10.13
N SER A 267 3.05 -27.24 -10.21
CA SER A 267 3.34 -28.47 -10.97
C SER A 267 3.12 -29.76 -10.16
N LEU A 268 2.91 -29.54 -8.89
CA LEU A 268 2.81 -30.56 -7.87
C LEU A 268 1.46 -30.54 -7.10
N GLU A 269 0.38 -30.42 -7.80
CA GLU A 269 -0.89 -30.50 -7.18
C GLU A 269 -1.19 -31.93 -6.70
N GLY A 270 -1.52 -32.06 -5.41
CA GLY A 270 -1.72 -33.40 -4.75
C GLY A 270 -0.41 -34.05 -4.43
N GLN A 271 0.72 -33.32 -4.61
CA GLN A 271 2.04 -33.96 -4.62
C GLN A 271 3.07 -33.19 -3.81
N ASP A 272 2.64 -32.46 -2.80
CA ASP A 272 3.55 -31.69 -2.01
C ASP A 272 4.77 -32.44 -1.59
N ILE A 273 5.95 -31.80 -1.71
CA ILE A 273 7.22 -32.33 -1.19
C ILE A 273 7.34 -32.11 0.31
N ILE A 274 7.66 -33.16 1.06
CA ILE A 274 7.88 -33.00 2.54
C ILE A 274 9.24 -33.64 2.89
N LEU A 275 10.19 -32.91 3.47
CA LEU A 275 11.51 -33.47 3.72
C LEU A 275 11.83 -33.38 5.17
N TYR A 276 12.29 -34.49 5.75
CA TYR A 276 12.58 -34.57 7.17
C TYR A 276 14.03 -34.37 7.45
N TRP A 277 14.29 -33.56 8.46
CA TRP A 277 15.64 -33.41 9.00
C TRP A 277 16.17 -34.76 9.62
N ARG A 278 15.41 -35.40 10.48
CA ARG A 278 15.90 -36.69 11.10
C ARG A 278 14.86 -37.84 11.08
N ILE B 1 23.12 8.26 -9.32
CA ILE B 1 23.50 7.50 -8.01
C ILE B 1 24.36 6.35 -8.46
N GLN B 2 24.88 5.58 -7.52
CA GLN B 2 25.53 4.29 -7.74
C GLN B 2 25.03 3.22 -6.81
N ARG B 3 25.28 1.93 -7.12
CA ARG B 3 24.81 0.86 -6.22
C ARG B 3 25.84 -0.23 -6.31
N THR B 4 26.26 -0.75 -5.17
CA THR B 4 27.20 -1.85 -5.11
C THR B 4 26.48 -3.17 -5.41
N PRO B 5 27.22 -4.15 -5.98
CA PRO B 5 26.56 -5.39 -6.36
C PRO B 5 26.29 -6.37 -5.17
N LYS B 6 25.17 -7.06 -5.18
CA LYS B 6 24.96 -8.28 -4.42
C LYS B 6 25.42 -9.47 -5.18
N ILE B 7 25.98 -10.45 -4.49
CA ILE B 7 26.62 -11.62 -5.18
C ILE B 7 26.16 -12.89 -4.48
N GLN B 8 25.57 -13.83 -5.23
CA GLN B 8 25.00 -15.04 -4.65
C GLN B 8 25.51 -16.17 -5.52
N VAL B 9 26.07 -17.16 -4.85
CA VAL B 9 26.64 -18.31 -5.47
C VAL B 9 25.94 -19.60 -5.03
N TYR B 10 25.62 -20.46 -5.98
CA TYR B 10 24.78 -21.59 -5.72
C TYR B 10 24.94 -22.64 -6.86
N SER B 11 24.85 -23.95 -6.52
CA SER B 11 24.78 -24.98 -7.56
C SER B 11 23.32 -25.23 -7.98
N ARG B 12 23.12 -25.57 -9.24
CA ARG B 12 21.80 -25.93 -9.75
C ARG B 12 21.16 -27.14 -9.03
N HIS B 13 21.98 -28.18 -8.81
CA HIS B 13 21.55 -29.43 -8.17
C HIS B 13 22.29 -29.62 -6.89
N PRO B 14 21.76 -30.49 -5.98
CA PRO B 14 22.56 -30.80 -4.78
C PRO B 14 23.96 -31.30 -5.17
N ALA B 15 24.99 -30.95 -4.44
CA ALA B 15 26.31 -31.32 -4.84
C ALA B 15 26.50 -32.80 -4.49
N GLU B 16 27.09 -33.57 -5.41
CA GLU B 16 27.50 -34.97 -5.17
C GLU B 16 28.86 -35.09 -5.78
N ASN B 17 29.85 -35.37 -4.94
CA ASN B 17 31.24 -35.36 -5.38
C ASN B 17 31.46 -36.28 -6.55
N GLY B 18 32.16 -35.76 -7.56
CA GLY B 18 32.37 -36.49 -8.77
C GLY B 18 31.19 -36.53 -9.70
N LYS B 19 30.08 -35.84 -9.39
CA LYS B 19 28.99 -35.79 -10.38
C LYS B 19 28.85 -34.38 -10.98
N SER B 20 28.67 -34.34 -12.30
CA SER B 20 28.55 -33.10 -13.08
C SER B 20 27.38 -32.26 -12.56
N ASN B 21 27.59 -30.94 -12.46
CA ASN B 21 26.57 -29.99 -11.93
C ASN B 21 26.73 -28.64 -12.67
N PHE B 22 25.98 -27.62 -12.24
CA PHE B 22 26.16 -26.23 -12.77
C PHE B 22 26.42 -25.26 -11.59
N LEU B 23 27.44 -24.46 -11.73
CA LEU B 23 27.82 -23.52 -10.72
C LEU B 23 27.34 -22.15 -11.21
N ASN B 24 26.57 -21.47 -10.37
CA ASN B 24 25.92 -20.18 -10.71
C ASN B 24 26.46 -19.06 -9.83
N CYS B 25 26.66 -17.88 -10.42
CA CYS B 25 26.98 -16.65 -9.73
C CYS B 25 25.98 -15.54 -10.23
N TYR B 26 25.11 -15.11 -9.36
CA TYR B 26 24.09 -14.16 -9.70
C TYR B 26 24.49 -12.83 -9.06
N VAL B 27 24.73 -11.83 -9.93
CA VAL B 27 25.21 -10.59 -9.49
C VAL B 27 24.12 -9.58 -9.81
N SER B 28 23.68 -8.85 -8.80
CA SER B 28 22.44 -8.04 -8.93
C SER B 28 22.44 -6.76 -8.06
N GLY B 29 21.56 -5.87 -8.40
CA GLY B 29 21.41 -4.65 -7.58
C GLY B 29 22.44 -3.59 -7.84
N PHE B 30 23.20 -3.65 -8.96
CA PHE B 30 24.32 -2.77 -9.14
C PHE B 30 24.03 -1.62 -10.15
N HIS B 31 24.80 -0.54 -10.03
CA HIS B 31 24.78 0.55 -10.97
C HIS B 31 26.05 1.33 -10.85
N PRO B 32 26.74 1.68 -11.95
CA PRO B 32 26.37 1.51 -13.38
C PRO B 32 26.62 0.09 -13.89
N SER B 33 26.42 -0.14 -15.21
CA SER B 33 26.31 -1.52 -15.74
C SER B 33 27.68 -2.17 -15.96
N ASP B 34 28.72 -1.36 -16.13
CA ASP B 34 30.09 -1.94 -16.33
C ASP B 34 30.55 -2.78 -15.13
N ILE B 35 31.01 -4.00 -15.33
CA ILE B 35 31.27 -4.94 -14.26
C ILE B 35 32.14 -6.03 -14.82
N GLU B 36 32.91 -6.63 -13.96
CA GLU B 36 33.81 -7.72 -14.32
C GLU B 36 33.54 -8.88 -13.35
N VAL B 37 33.22 -10.06 -13.89
CA VAL B 37 32.82 -11.22 -13.10
C VAL B 37 33.61 -12.40 -13.63
N ASP B 38 34.33 -13.07 -12.73
CA ASP B 38 35.01 -14.33 -13.04
C ASP B 38 34.55 -15.41 -12.05
N LEU B 39 34.42 -16.65 -12.54
CA LEU B 39 34.31 -17.79 -11.69
C LEU B 39 35.73 -18.33 -11.54
N LEU B 40 36.08 -18.79 -10.32
CA LEU B 40 37.40 -19.24 -9.97
C LEU B 40 37.35 -20.71 -9.49
N LYS B 41 38.33 -21.47 -9.96
CA LYS B 41 38.54 -22.82 -9.36
C LYS B 41 39.94 -22.85 -8.79
N ASN B 42 40.02 -23.09 -7.48
CA ASN B 42 41.22 -22.96 -6.65
C ASN B 42 41.98 -21.68 -6.94
N GLY B 43 41.25 -20.57 -6.95
CA GLY B 43 41.85 -19.27 -7.17
C GLY B 43 42.21 -18.89 -8.58
N GLU B 44 42.03 -19.80 -9.52
CA GLU B 44 42.36 -19.51 -10.92
C GLU B 44 41.07 -19.35 -11.77
N ARG B 45 41.09 -18.38 -12.68
CA ARG B 45 40.00 -18.09 -13.56
C ARG B 45 39.54 -19.30 -14.38
N ILE B 46 38.25 -19.60 -14.39
CA ILE B 46 37.67 -20.62 -15.26
C ILE B 46 37.42 -20.00 -16.61
N GLU B 47 37.79 -20.71 -17.69
CA GLU B 47 37.68 -20.10 -19.03
C GLU B 47 36.34 -20.30 -19.73
N LYS B 48 35.63 -21.40 -19.51
CA LYS B 48 34.51 -21.68 -20.42
C LYS B 48 33.15 -20.87 -20.14
N VAL B 49 33.16 -19.81 -19.30
CA VAL B 49 31.94 -19.35 -18.55
C VAL B 49 30.88 -18.62 -19.40
N GLU B 50 29.62 -19.02 -19.27
CA GLU B 50 28.45 -18.40 -19.92
C GLU B 50 27.87 -17.31 -19.08
N HIS B 51 27.30 -16.30 -19.71
CA HIS B 51 26.50 -15.31 -18.92
C HIS B 51 25.28 -14.82 -19.69
N SER B 52 24.30 -14.34 -18.97
CA SER B 52 23.09 -13.73 -19.57
C SER B 52 23.43 -12.39 -20.17
N ASP B 53 22.58 -11.95 -21.07
CA ASP B 53 22.58 -10.59 -21.63
C ASP B 53 22.13 -9.69 -20.42
N LEU B 54 22.64 -8.48 -20.42
CA LEU B 54 22.34 -7.52 -19.36
C LEU B 54 20.82 -7.33 -19.23
N SER B 55 20.32 -7.20 -17.96
CA SER B 55 19.00 -6.80 -17.77
C SER B 55 19.01 -5.93 -16.53
N PHE B 56 17.88 -5.37 -16.29
CA PHE B 56 17.68 -4.53 -15.10
C PHE B 56 16.32 -4.69 -14.47
N SER B 57 16.24 -4.27 -13.20
CA SER B 57 15.01 -4.39 -12.42
C SER B 57 14.17 -3.12 -12.48
N LYS B 58 13.01 -3.16 -11.81
CA LYS B 58 12.14 -2.00 -11.69
C LYS B 58 12.79 -0.76 -11.13
N ASP B 59 13.78 -0.93 -10.26
CA ASP B 59 14.46 0.27 -9.67
C ASP B 59 15.65 0.71 -10.50
N TRP B 60 15.78 0.13 -11.72
CA TRP B 60 16.82 0.41 -12.73
C TRP B 60 18.17 -0.24 -12.44
N SER B 61 18.26 -0.95 -11.34
CA SER B 61 19.51 -1.67 -10.99
C SER B 61 19.70 -2.90 -11.89
N PHE B 62 20.98 -3.17 -12.21
CA PHE B 62 21.26 -4.24 -13.12
C PHE B 62 21.40 -5.64 -12.47
N TYR B 63 21.30 -6.64 -13.29
CA TYR B 63 21.58 -7.99 -12.92
C TYR B 63 22.07 -8.88 -14.12
N LEU B 64 22.91 -9.83 -13.73
CA LEU B 64 23.53 -10.82 -14.65
C LEU B 64 23.65 -12.16 -13.98
N LEU B 65 23.50 -13.24 -14.74
CA LEU B 65 23.79 -14.59 -14.26
C LEU B 65 24.99 -15.12 -15.01
N TYR B 66 26.04 -15.54 -14.27
CA TYR B 66 27.24 -16.24 -14.82
C TYR B 66 27.16 -17.68 -14.41
N TYR B 67 27.49 -18.61 -15.30
CA TYR B 67 27.33 -20.03 -14.99
C TYR B 67 28.28 -20.89 -15.81
N THR B 68 28.62 -22.08 -15.26
CA THR B 68 29.47 -23.06 -15.96
C THR B 68 29.13 -24.42 -15.43
N GLU B 69 29.25 -25.42 -16.29
CA GLU B 69 29.28 -26.80 -15.82
C GLU B 69 30.52 -26.97 -14.98
N PHE B 70 30.44 -27.79 -13.97
CA PHE B 70 31.57 -28.15 -13.11
C PHE B 70 31.25 -29.49 -12.40
N THR B 71 32.29 -30.09 -11.82
CA THR B 71 32.17 -31.31 -10.97
C THR B 71 32.75 -31.01 -9.60
N PRO B 72 31.88 -30.90 -8.59
CA PRO B 72 32.41 -30.72 -7.28
C PRO B 72 33.22 -31.95 -6.84
N THR B 73 34.27 -31.66 -6.09
CA THR B 73 35.13 -32.66 -5.45
C THR B 73 35.26 -32.29 -3.98
N GLU B 74 35.98 -33.09 -3.23
CA GLU B 74 36.17 -32.78 -1.84
C GLU B 74 37.19 -31.69 -1.66
N LYS B 75 38.26 -31.66 -2.46
CA LYS B 75 39.39 -30.71 -2.31
C LYS B 75 39.11 -29.32 -3.01
N ASP B 76 38.53 -29.36 -4.18
CA ASP B 76 38.46 -28.19 -5.06
C ASP B 76 37.58 -27.08 -4.47
N GLU B 77 38.13 -25.87 -4.35
CA GLU B 77 37.38 -24.71 -3.97
C GLU B 77 36.91 -23.82 -5.17
N TYR B 78 35.64 -23.46 -5.16
CA TYR B 78 35.04 -22.60 -6.24
C TYR B 78 34.50 -21.29 -5.64
N ALA B 79 34.55 -20.23 -6.42
CA ALA B 79 34.23 -18.86 -5.94
C ALA B 79 33.91 -18.00 -7.19
N CYS B 80 33.24 -16.87 -6.94
CA CYS B 80 32.88 -15.86 -7.92
C CYS B 80 33.61 -14.59 -7.49
N ARG B 81 34.27 -13.92 -8.42
CA ARG B 81 35.03 -12.70 -8.10
C ARG B 81 34.46 -11.56 -8.93
N VAL B 82 34.06 -10.49 -8.24
CA VAL B 82 33.49 -9.33 -8.90
C VAL B 82 34.26 -8.03 -8.68
N ASN B 83 34.44 -7.28 -9.77
CA ASN B 83 34.93 -5.94 -9.66
C ASN B 83 33.99 -4.96 -10.26
N HIS B 84 33.88 -3.82 -9.60
CA HIS B 84 32.90 -2.79 -10.00
C HIS B 84 33.44 -1.47 -9.49
N VAL B 85 33.03 -0.40 -10.15
CA VAL B 85 33.54 0.97 -9.78
C VAL B 85 33.22 1.32 -8.29
N THR B 86 32.18 0.71 -7.73
CA THR B 86 31.74 1.06 -6.37
C THR B 86 32.56 0.32 -5.29
N LEU B 87 33.40 -0.62 -5.69
CA LEU B 87 34.18 -1.50 -4.74
C LEU B 87 35.62 -1.00 -4.65
N SER B 88 36.15 -0.86 -3.42
CA SER B 88 37.54 -0.37 -3.29
C SER B 88 38.49 -1.52 -3.61
N GLN B 89 38.04 -2.77 -3.57
CA GLN B 89 38.76 -3.91 -4.20
C GLN B 89 37.76 -5.02 -4.65
N PRO B 90 38.21 -5.99 -5.48
CA PRO B 90 37.35 -7.08 -5.92
C PRO B 90 36.76 -7.86 -4.77
N LYS B 91 35.50 -8.26 -4.92
CA LYS B 91 34.77 -9.04 -3.89
C LYS B 91 34.79 -10.44 -4.34
N ILE B 92 35.09 -11.37 -3.41
CA ILE B 92 35.13 -12.77 -3.75
C ILE B 92 34.10 -13.48 -2.81
N VAL B 93 33.20 -14.26 -3.36
CA VAL B 93 32.14 -15.00 -2.62
C VAL B 93 32.42 -16.47 -2.93
N LYS B 94 32.65 -17.27 -1.87
CA LYS B 94 32.91 -18.68 -2.08
C LYS B 94 31.66 -19.51 -2.26
N TRP B 95 31.75 -20.55 -3.07
CA TRP B 95 30.68 -21.49 -3.06
C TRP B 95 30.75 -22.37 -1.82
N ASP B 96 29.62 -22.50 -1.14
CA ASP B 96 29.48 -23.40 0.02
C ASP B 96 28.23 -24.21 -0.24
N ARG B 97 28.39 -25.50 -0.50
CA ARG B 97 27.25 -26.41 -0.80
C ARG B 97 26.21 -26.59 0.30
N ASP B 98 26.54 -26.18 1.52
CA ASP B 98 25.55 -26.25 2.61
C ASP B 98 24.76 -24.99 2.87
N MET B 99 25.12 -23.89 2.21
CA MET B 99 24.31 -22.69 2.31
C MET B 99 23.26 -22.76 1.23
N GLY C 6 -3.01 9.83 26.19
CA GLY C 6 -4.10 10.15 25.16
C GLY C 6 -5.45 10.70 25.62
N PRO C 7 -6.55 9.91 25.48
CA PRO C 7 -7.87 10.49 25.81
C PRO C 7 -8.14 10.72 27.27
N THR C 8 -9.04 11.65 27.53
CA THR C 8 -9.37 12.03 28.86
C THR C 8 -10.86 11.84 29.16
N SER C 9 -11.62 11.16 28.30
CA SER C 9 -13.06 11.03 28.61
C SER C 9 -13.65 9.68 28.13
N PHE C 10 -14.65 9.19 28.86
CA PHE C 10 -15.39 8.03 28.45
C PHE C 10 -16.85 8.47 28.23
N HIS C 11 -17.45 8.02 27.13
CA HIS C 11 -18.89 8.21 27.01
C HIS C 11 -19.58 7.06 26.29
N VAL C 12 -20.85 6.85 26.61
CA VAL C 12 -21.67 5.94 25.84
C VAL C 12 -22.61 6.79 24.94
N ILE C 13 -22.98 6.30 23.75
CA ILE C 13 -23.97 7.02 22.94
C ILE C 13 -25.11 6.05 22.56
N GLN C 14 -26.25 6.65 22.25
CA GLN C 14 -27.49 6.02 21.79
C GLN C 14 -28.02 6.80 20.63
N THR C 15 -28.47 6.10 19.55
CA THR C 15 -29.29 6.65 18.51
C THR C 15 -30.55 5.78 18.38
N SER C 16 -31.73 6.34 18.61
CA SER C 16 -32.97 5.48 18.60
C SER C 16 -33.81 6.05 17.50
N SER C 17 -34.09 5.25 16.47
CA SER C 17 -34.78 5.67 15.29
C SER C 17 -36.20 5.05 15.29
N PHE C 18 -37.20 5.92 15.32
CA PHE C 18 -38.65 5.57 15.37
C PHE C 18 -39.32 5.79 14.01
N THR C 19 -39.54 4.70 13.28
CA THR C 19 -40.15 4.76 11.95
C THR C 19 -41.64 4.89 12.03
N ASN C 20 -42.28 4.12 12.91
CA ASN C 20 -43.72 4.11 13.09
C ASN C 20 -44.00 3.37 14.42
N SER C 21 -45.27 3.15 14.84
CA SER C 21 -45.53 2.62 16.21
C SER C 21 -44.98 1.18 16.46
N THR C 22 -44.85 0.42 15.38
N THR C 22 -44.88 0.42 15.37
CA THR C 22 -44.30 -0.94 15.48
CA THR C 22 -44.29 -0.94 15.38
C THR C 22 -42.77 -1.09 15.26
C THR C 22 -42.74 -0.96 15.46
N TRP C 23 -42.08 -0.03 14.75
CA TRP C 23 -40.71 -0.16 14.32
C TRP C 23 -39.82 0.89 14.94
N ALA C 24 -39.02 0.43 15.89
CA ALA C 24 -37.98 1.23 16.54
C ALA C 24 -36.64 0.45 16.38
N GLN C 25 -35.51 1.18 16.33
CA GLN C 25 -34.22 0.56 16.29
C GLN C 25 -33.26 1.41 17.10
N THR C 26 -32.40 0.77 17.86
CA THR C 26 -31.42 1.49 18.64
C THR C 26 -30.01 1.00 18.31
N GLN C 27 -29.11 1.96 18.10
CA GLN C 27 -27.72 1.72 17.92
C GLN C 27 -26.94 2.33 19.07
N GLY C 28 -25.99 1.63 19.61
CA GLY C 28 -25.22 2.18 20.76
C GLY C 28 -23.76 1.81 20.69
N SER C 29 -22.94 2.58 21.42
CA SER C 29 -21.52 2.32 21.45
C SER C 29 -20.86 3.04 22.60
N GLY C 30 -19.65 2.60 22.92
CA GLY C 30 -18.82 3.24 23.98
C GLY C 30 -17.41 3.72 23.43
N TRP C 31 -16.93 4.81 23.96
CA TRP C 31 -15.90 5.62 23.34
C TRP C 31 -14.96 6.20 24.37
N LEU C 32 -13.66 6.26 24.03
CA LEU C 32 -12.70 7.13 24.76
C LEU C 32 -12.35 8.27 23.80
N ASP C 33 -12.77 9.48 24.15
CA ASP C 33 -12.83 10.58 23.17
C ASP C 33 -13.45 10.04 21.85
N ASP C 34 -12.69 10.01 20.76
CA ASP C 34 -13.30 9.54 19.50
C ASP C 34 -12.74 8.19 19.03
N LEU C 35 -12.18 7.39 19.97
CA LEU C 35 -11.78 5.99 19.80
C LEU C 35 -12.82 5.02 20.36
N GLN C 36 -13.35 4.18 19.48
CA GLN C 36 -14.39 3.23 19.88
C GLN C 36 -13.84 2.08 20.65
N ILE C 37 -14.30 1.86 21.88
CA ILE C 37 -13.91 0.70 22.64
C ILE C 37 -14.98 -0.34 22.97
N HIS C 38 -16.26 -0.04 22.76
CA HIS C 38 -17.39 -0.97 22.88
C HIS C 38 -18.31 -0.80 21.75
N GLY C 39 -18.81 -1.94 21.25
CA GLY C 39 -20.03 -2.00 20.45
C GLY C 39 -21.24 -2.52 21.20
N TRP C 40 -22.36 -2.60 20.50
CA TRP C 40 -23.67 -2.95 21.08
C TRP C 40 -24.40 -3.76 20.04
N ASP C 41 -24.69 -5.02 20.37
CA ASP C 41 -25.54 -5.87 19.47
C ASP C 41 -26.97 -5.59 19.88
N SER C 42 -27.72 -4.90 18.97
CA SER C 42 -29.06 -4.37 19.27
C SER C 42 -30.07 -5.45 19.48
N ASP C 43 -29.98 -6.54 18.71
CA ASP C 43 -31.02 -7.60 18.85
C ASP C 43 -30.99 -8.39 20.14
N SER C 44 -29.80 -8.79 20.55
CA SER C 44 -29.56 -9.42 21.83
C SER C 44 -29.60 -8.40 22.98
N GLY C 45 -29.25 -7.14 22.71
CA GLY C 45 -28.94 -6.19 23.82
C GLY C 45 -27.75 -6.57 24.66
N THR C 46 -26.58 -6.75 24.00
CA THR C 46 -25.35 -7.12 24.70
C THR C 46 -24.16 -6.35 24.11
N ALA C 47 -23.14 -6.17 24.94
CA ALA C 47 -22.03 -5.30 24.59
C ALA C 47 -21.06 -6.16 23.81
N ILE C 48 -20.24 -5.49 23.01
CA ILE C 48 -19.15 -6.09 22.24
C ILE C 48 -17.88 -5.38 22.69
N PHE C 49 -16.94 -6.12 23.23
CA PHE C 49 -15.67 -5.55 23.76
C PHE C 49 -14.61 -5.48 22.69
N LEU C 50 -14.22 -4.27 22.28
CA LEU C 50 -13.43 -4.15 21.09
C LEU C 50 -11.93 -4.27 21.34
N LYS C 51 -11.51 -4.16 22.58
CA LYS C 51 -10.10 -4.23 22.93
C LYS C 51 -9.99 -5.18 24.11
N PRO C 52 -8.79 -5.81 24.30
CA PRO C 52 -8.68 -6.78 25.42
C PRO C 52 -8.79 -6.06 26.74
N TRP C 53 -8.55 -4.74 26.76
CA TRP C 53 -8.72 -3.98 28.01
C TRP C 53 -10.03 -3.17 28.17
N SER C 54 -10.99 -3.38 27.28
CA SER C 54 -12.29 -2.63 27.27
C SER C 54 -13.09 -2.74 28.60
N LYS C 55 -12.86 -3.80 29.42
CA LYS C 55 -13.56 -3.90 30.73
C LYS C 55 -12.83 -3.10 31.82
N GLY C 56 -11.69 -2.54 31.45
CA GLY C 56 -10.95 -1.66 32.38
C GLY C 56 -10.62 -2.47 33.63
N ASN C 57 -10.81 -1.92 34.84
CA ASN C 57 -10.57 -2.71 36.08
C ASN C 57 -11.85 -3.35 36.69
N PHE C 58 -12.93 -3.38 35.94
CA PHE C 58 -14.20 -3.91 36.49
C PHE C 58 -14.21 -5.43 36.39
N SER C 59 -14.87 -6.10 37.33
CA SER C 59 -15.03 -7.56 37.24
C SER C 59 -16.06 -7.91 36.22
N ASP C 60 -16.04 -9.17 35.80
CA ASP C 60 -17.08 -9.66 34.87
C ASP C 60 -18.48 -9.56 35.41
N LYS C 61 -18.62 -9.73 36.71
CA LYS C 61 -19.90 -9.60 37.36
C LYS C 61 -20.48 -8.18 37.23
N GLU C 62 -19.64 -7.16 37.46
CA GLU C 62 -20.09 -5.79 37.39
C GLU C 62 -20.40 -5.42 35.91
N VAL C 63 -19.59 -5.91 34.98
CA VAL C 63 -19.79 -5.62 33.58
C VAL C 63 -21.12 -6.21 33.14
N ALA C 64 -21.40 -7.43 33.60
CA ALA C 64 -22.64 -8.12 33.19
C ALA C 64 -23.84 -7.38 33.75
N GLU C 65 -23.70 -6.88 34.95
CA GLU C 65 -24.75 -6.04 35.53
C GLU C 65 -25.00 -4.72 34.84
N LEU C 66 -23.91 -4.02 34.49
CA LEU C 66 -23.99 -2.80 33.67
C LEU C 66 -24.76 -3.03 32.34
N GLU C 67 -24.44 -4.13 31.67
CA GLU C 67 -25.04 -4.48 30.40
C GLU C 67 -26.53 -4.73 30.54
N GLU C 68 -26.94 -5.27 31.69
CA GLU C 68 -28.33 -5.52 31.96
C GLU C 68 -29.07 -4.24 32.12
N ILE C 69 -28.51 -3.33 32.89
CA ILE C 69 -29.12 -2.03 33.02
C ILE C 69 -29.32 -1.40 31.62
N PHE C 70 -28.27 -1.42 30.78
CA PHE C 70 -28.39 -0.78 29.48
C PHE C 70 -29.50 -1.49 28.62
N ARG C 71 -29.52 -2.81 28.68
CA ARG C 71 -30.48 -3.63 27.84
C ARG C 71 -31.92 -3.30 28.17
N VAL C 72 -32.22 -3.31 29.46
CA VAL C 72 -33.58 -2.95 29.98
C VAL C 72 -33.93 -1.49 29.69
N TYR C 73 -32.94 -0.59 29.83
CA TYR C 73 -33.21 0.84 29.57
C TYR C 73 -33.52 1.00 28.08
N ILE C 74 -32.75 0.33 27.20
CA ILE C 74 -32.93 0.57 25.78
C ILE C 74 -34.30 0.06 25.30
N PHE C 75 -34.62 -1.19 25.62
CA PHE C 75 -35.99 -1.72 25.24
C PHE C 75 -37.16 -1.00 25.93
N GLY C 76 -36.97 -0.75 27.22
CA GLY C 76 -37.93 0.02 28.02
C GLY C 76 -38.22 1.41 27.51
N PHE C 77 -37.16 2.15 27.25
CA PHE C 77 -37.28 3.45 26.66
C PHE C 77 -38.01 3.45 25.32
N ALA C 78 -37.59 2.59 24.38
CA ALA C 78 -38.19 2.55 23.09
C ALA C 78 -39.74 2.25 23.22
N ARG C 79 -40.12 1.35 24.12
CA ARG C 79 -41.56 0.99 24.31
C ARG C 79 -42.25 2.14 24.85
N GLU C 80 -41.70 2.79 25.89
CA GLU C 80 -42.35 3.97 26.45
C GLU C 80 -42.50 5.15 25.47
N VAL C 81 -41.48 5.40 24.66
CA VAL C 81 -41.59 6.45 23.65
C VAL C 81 -42.75 6.15 22.72
N GLN C 82 -42.80 4.92 22.26
CA GLN C 82 -43.95 4.50 21.38
C GLN C 82 -45.33 4.67 22.03
N ASP C 83 -45.47 4.24 23.28
CA ASP C 83 -46.73 4.41 24.03
C ASP C 83 -47.12 5.88 24.27
N PHE C 84 -46.17 6.76 24.56
CA PHE C 84 -46.46 8.16 24.82
C PHE C 84 -46.38 8.98 23.52
N ALA C 85 -46.09 8.40 22.35
CA ALA C 85 -45.83 9.22 21.14
C ALA C 85 -47.03 10.12 20.72
N GLY C 86 -48.25 9.57 20.70
CA GLY C 86 -49.48 10.41 20.47
C GLY C 86 -49.69 11.51 21.54
N ASP C 87 -49.52 11.16 22.81
CA ASP C 87 -49.55 12.12 23.93
C ASP C 87 -48.54 13.28 23.77
N PHE C 88 -47.33 12.99 23.28
CA PHE C 88 -46.36 14.05 23.02
C PHE C 88 -46.46 14.62 21.62
N GLN C 89 -47.47 14.23 20.86
CA GLN C 89 -47.70 14.71 19.47
C GLN C 89 -46.45 14.60 18.60
N MET C 90 -45.89 13.40 18.60
CA MET C 90 -44.68 13.10 17.82
C MET C 90 -45.06 12.82 16.39
N LYS C 91 -44.38 13.38 15.39
CA LYS C 91 -44.70 12.97 13.99
C LYS C 91 -43.60 12.00 13.54
N TYR C 92 -43.99 10.88 12.99
CA TYR C 92 -43.06 9.89 12.52
C TYR C 92 -42.61 10.26 11.12
N PRO C 93 -41.39 9.93 10.76
CA PRO C 93 -40.39 9.20 11.53
C PRO C 93 -39.66 10.23 12.37
N PHE C 94 -39.09 9.83 13.51
CA PHE C 94 -38.26 10.79 14.36
C PHE C 94 -37.11 10.00 14.98
N GLU C 95 -36.11 10.76 15.43
CA GLU C 95 -34.88 10.16 15.93
C GLU C 95 -34.40 10.85 17.21
N ILE C 96 -34.09 10.03 18.24
CA ILE C 96 -33.62 10.53 19.49
C ILE C 96 -32.13 10.14 19.65
N GLN C 97 -31.34 10.99 20.27
CA GLN C 97 -29.94 10.65 20.53
C GLN C 97 -29.63 10.94 21.98
N GLY C 98 -28.68 10.25 22.55
CA GLY C 98 -28.22 10.53 23.92
C GLY C 98 -26.72 10.23 24.01
N ILE C 99 -26.07 10.95 24.89
CA ILE C 99 -24.66 10.81 25.25
C ILE C 99 -24.54 11.00 26.74
N ALA C 100 -23.79 10.13 27.41
CA ALA C 100 -23.55 10.16 28.89
C ALA C 100 -22.13 9.65 29.18
N GLY C 101 -21.48 10.25 30.15
CA GLY C 101 -20.10 9.85 30.46
C GLY C 101 -19.49 10.77 31.47
N CYS C 102 -18.15 10.67 31.50
CA CYS C 102 -17.38 11.56 32.35
C CYS C 102 -16.05 11.91 31.75
N GLU C 103 -15.47 12.99 32.28
CA GLU C 103 -14.27 13.56 31.72
C GLU C 103 -13.31 14.08 32.81
N LEU C 104 -12.02 13.86 32.61
CA LEU C 104 -10.97 14.29 33.60
C LEU C 104 -10.50 15.70 33.23
N HIS C 105 -10.50 16.62 34.19
CA HIS C 105 -10.03 18.00 34.05
C HIS C 105 -8.87 18.28 34.96
N SER C 106 -8.27 19.48 34.78
CA SER C 106 -7.08 19.91 35.59
C SER C 106 -7.31 19.63 37.03
N GLY C 107 -6.22 19.25 37.74
CA GLY C 107 -6.22 19.07 39.17
C GLY C 107 -7.03 17.85 39.60
N GLY C 108 -7.18 16.88 38.69
CA GLY C 108 -7.95 15.66 38.96
C GLY C 108 -9.47 15.77 39.19
N ALA C 109 -10.11 16.90 38.86
CA ALA C 109 -11.57 16.98 38.78
C ALA C 109 -12.07 16.01 37.68
N ILE C 110 -13.07 15.23 37.99
CA ILE C 110 -13.80 14.47 36.98
C ILE C 110 -15.24 15.03 36.96
N VAL C 111 -15.67 15.50 35.79
CA VAL C 111 -17.00 16.05 35.56
C VAL C 111 -17.81 15.03 34.70
N SER C 112 -19.02 14.76 35.10
CA SER C 112 -19.92 13.81 34.43
C SER C 112 -20.95 14.62 33.70
N PHE C 113 -21.56 14.04 32.66
CA PHE C 113 -22.50 14.72 31.85
C PHE C 113 -23.52 13.70 31.23
N LEU C 114 -24.65 14.22 30.83
CA LEU C 114 -25.62 13.48 30.04
C LEU C 114 -26.40 14.51 29.29
N ARG C 115 -26.55 14.28 27.99
CA ARG C 115 -27.32 15.13 27.10
C ARG C 115 -28.21 14.29 26.21
N GLY C 116 -29.39 14.82 25.87
CA GLY C 116 -30.29 14.19 24.91
C GLY C 116 -30.71 15.17 23.84
N ALA C 117 -31.12 14.60 22.72
CA ALA C 117 -31.57 15.30 21.53
C ALA C 117 -32.76 14.63 20.86
N LEU C 118 -33.57 15.49 20.24
CA LEU C 118 -34.68 15.12 19.36
C LEU C 118 -34.57 15.96 18.09
N GLY C 119 -34.63 15.34 16.93
CA GLY C 119 -34.49 16.07 15.66
C GLY C 119 -33.10 16.69 15.42
N GLY C 120 -32.10 16.08 16.03
CA GLY C 120 -30.81 16.65 16.10
C GLY C 120 -30.66 18.01 16.70
N LEU C 121 -31.54 18.36 17.62
CA LEU C 121 -31.40 19.56 18.42
C LEU C 121 -31.41 19.16 19.90
N ASP C 122 -30.73 19.94 20.71
CA ASP C 122 -30.76 19.73 22.13
C ASP C 122 -32.21 19.59 22.64
N PHE C 123 -32.39 18.68 23.58
CA PHE C 123 -33.66 18.39 24.25
C PHE C 123 -33.60 18.46 25.73
N LEU C 124 -32.61 17.82 26.33
CA LEU C 124 -32.38 17.96 27.76
C LEU C 124 -30.90 17.77 28.12
N SER C 125 -30.61 18.03 29.37
CA SER C 125 -29.33 17.64 29.95
C SER C 125 -29.50 17.41 31.44
N VAL C 126 -28.50 16.79 32.07
CA VAL C 126 -28.42 16.64 33.53
C VAL C 126 -27.44 17.67 34.10
N LYS C 127 -27.85 18.33 35.16
CA LYS C 127 -26.96 19.27 35.81
C LYS C 127 -27.18 19.03 37.29
N ASN C 128 -26.11 18.64 37.95
CA ASN C 128 -26.13 18.39 39.37
C ASN C 128 -27.21 17.40 39.71
N ALA C 129 -27.23 16.26 39.06
CA ALA C 129 -28.25 15.23 39.22
C ALA C 129 -29.69 15.62 38.95
N SER C 130 -29.98 16.76 38.33
CA SER C 130 -31.34 16.90 37.83
C SER C 130 -31.54 17.09 36.32
N CYS C 131 -32.77 16.86 35.88
CA CYS C 131 -33.11 16.94 34.49
C CYS C 131 -33.43 18.39 34.15
N VAL C 132 -32.69 18.97 33.28
CA VAL C 132 -32.88 20.36 32.86
C VAL C 132 -33.36 20.34 31.41
N PRO C 133 -34.58 20.85 31.16
CA PRO C 133 -35.00 20.94 29.78
C PRO C 133 -34.23 21.95 29.02
N SER C 134 -33.93 21.62 27.77
N SER C 134 -33.87 21.61 27.78
CA SER C 134 -33.31 22.60 26.85
CA SER C 134 -33.27 22.60 26.87
C SER C 134 -34.38 23.43 26.18
C SER C 134 -34.36 23.44 26.24
N PRO C 135 -34.09 24.72 25.96
CA PRO C 135 -35.03 25.55 25.19
C PRO C 135 -35.51 25.00 23.88
N GLU C 136 -34.58 24.34 23.20
N GLU C 136 -34.62 24.36 23.11
CA GLU C 136 -34.82 23.78 21.89
CA GLU C 136 -35.04 23.85 21.81
C GLU C 136 -35.82 22.62 21.99
C GLU C 136 -35.99 22.68 22.00
N GLY C 137 -35.94 22.03 23.17
CA GLY C 137 -36.88 20.93 23.41
C GLY C 137 -38.32 21.43 23.70
N GLY C 138 -38.48 22.72 24.01
CA GLY C 138 -39.82 23.37 24.19
C GLY C 138 -40.68 22.67 25.27
N SER C 139 -41.99 22.59 25.02
CA SER C 139 -42.92 22.05 25.98
C SER C 139 -42.75 20.54 26.13
N ARG C 140 -42.30 19.84 25.09
CA ARG C 140 -42.10 18.40 25.24
C ARG C 140 -40.99 18.15 26.27
N ALA C 141 -39.90 18.88 26.19
CA ALA C 141 -38.83 18.68 27.15
C ALA C 141 -39.28 19.08 28.59
N GLN C 142 -40.02 20.17 28.71
CA GLN C 142 -40.62 20.58 30.03
C GLN C 142 -41.40 19.43 30.63
N LYS C 143 -42.25 18.84 29.82
CA LYS C 143 -43.09 17.68 30.23
C LYS C 143 -42.29 16.40 30.56
N PHE C 144 -41.27 16.12 29.72
CA PHE C 144 -40.41 14.99 29.95
C PHE C 144 -39.67 15.09 31.27
N CYS C 145 -39.05 16.25 31.57
CA CYS C 145 -38.33 16.40 32.84
C CYS C 145 -39.25 16.33 34.11
N ALA C 146 -40.43 16.93 34.05
CA ALA C 146 -41.41 16.86 35.12
C ALA C 146 -41.99 15.42 35.30
N LEU C 147 -42.01 14.66 34.23
CA LEU C 147 -42.46 13.30 34.31
C LEU C 147 -41.41 12.42 34.91
N ILE C 148 -40.19 12.53 34.40
CA ILE C 148 -39.20 11.50 34.63
C ILE C 148 -38.76 11.60 36.10
N ILE C 149 -38.80 12.81 36.64
CA ILE C 149 -38.33 13.04 38.01
C ILE C 149 -39.29 12.53 39.08
N GLN C 150 -40.39 11.90 38.66
CA GLN C 150 -41.35 11.32 39.57
C GLN C 150 -41.09 9.81 39.71
N TYR C 151 -39.91 9.33 39.27
CA TYR C 151 -39.50 7.92 39.39
C TYR C 151 -38.19 7.96 40.13
N GLN C 152 -38.24 7.85 41.48
CA GLN C 152 -37.04 8.03 42.32
C GLN C 152 -36.01 6.96 41.99
N GLY C 153 -36.47 5.77 41.55
CA GLY C 153 -35.55 4.69 41.16
C GLY C 153 -34.75 4.97 39.88
N ILE C 154 -35.42 5.52 38.89
CA ILE C 154 -34.74 5.81 37.63
C ILE C 154 -33.70 6.89 37.93
N MET C 155 -34.11 7.92 38.65
CA MET C 155 -33.27 9.07 38.90
C MET C 155 -32.04 8.70 39.79
N GLU C 156 -32.29 7.81 40.75
CA GLU C 156 -31.23 7.29 41.59
C GLU C 156 -30.24 6.40 40.84
N THR C 157 -30.73 5.57 39.92
CA THR C 157 -29.83 4.82 39.06
C THR C 157 -28.90 5.75 38.18
N VAL C 158 -29.51 6.73 37.55
CA VAL C 158 -28.79 7.65 36.71
C VAL C 158 -27.72 8.35 37.55
N ARG C 159 -28.09 8.85 38.72
CA ARG C 159 -27.15 9.52 39.57
C ARG C 159 -25.96 8.64 39.92
N ILE C 160 -26.23 7.44 40.42
CA ILE C 160 -25.13 6.52 40.75
C ILE C 160 -24.26 6.23 39.50
N LEU C 161 -24.87 5.91 38.35
CA LEU C 161 -24.05 5.64 37.14
C LEU C 161 -23.15 6.83 36.77
N LEU C 162 -23.70 8.03 36.79
CA LEU C 162 -22.94 9.21 36.30
C LEU C 162 -21.85 9.62 37.25
N TYR C 163 -22.19 9.67 38.53
CA TYR C 163 -21.31 10.33 39.52
C TYR C 163 -20.54 9.38 40.40
N GLU C 164 -20.93 8.13 40.41
CA GLU C 164 -20.13 7.11 41.15
C GLU C 164 -19.46 6.10 40.25
N THR C 165 -20.25 5.42 39.44
CA THR C 165 -19.70 4.36 38.58
C THR C 165 -18.76 4.90 37.45
N CYS C 166 -19.19 5.91 36.71
CA CYS C 166 -18.41 6.40 35.58
C CYS C 166 -16.96 6.89 35.98
N PRO C 167 -16.83 7.72 36.99
CA PRO C 167 -15.45 8.14 37.37
C PRO C 167 -14.47 6.95 37.69
N ARG C 168 -14.94 5.97 38.46
CA ARG C 168 -14.23 4.69 38.75
C ARG C 168 -13.86 4.00 37.46
N TYR C 169 -14.82 3.85 36.54
CA TYR C 169 -14.59 3.14 35.30
C TYR C 169 -13.52 3.84 34.47
N LEU C 170 -13.66 5.17 34.35
CA LEU C 170 -12.76 5.98 33.48
C LEU C 170 -11.31 5.84 33.92
N LEU C 171 -11.10 6.01 35.21
CA LEU C 171 -9.71 5.95 35.68
C LEU C 171 -9.16 4.58 35.49
N GLY C 172 -9.98 3.55 35.74
CA GLY C 172 -9.51 2.17 35.54
C GLY C 172 -9.25 1.77 34.09
N VAL C 173 -10.07 2.28 33.17
CA VAL C 173 -9.84 1.92 31.73
C VAL C 173 -8.67 2.71 31.10
N LEU C 174 -8.46 3.97 31.51
CA LEU C 174 -7.32 4.75 31.01
C LEU C 174 -6.01 4.04 31.43
N ASN C 175 -5.99 3.54 32.67
CA ASN C 175 -4.82 2.81 33.16
C ASN C 175 -4.70 1.44 32.43
N ALA C 176 -5.80 0.67 32.30
CA ALA C 176 -5.74 -0.63 31.65
C ALA C 176 -5.25 -0.52 30.20
N GLY C 177 -5.65 0.53 29.52
CA GLY C 177 -5.37 0.62 28.10
C GLY C 177 -4.11 1.44 27.74
N LYS C 178 -3.32 1.85 28.72
CA LYS C 178 -2.20 2.80 28.51
C LYS C 178 -1.20 2.44 27.42
N ALA C 179 -0.95 1.15 27.19
CA ALA C 179 0.02 0.71 26.19
C ALA C 179 -0.46 1.17 24.86
N ASP C 180 -1.73 0.86 24.55
CA ASP C 180 -2.31 1.29 23.31
C ASP C 180 -2.58 2.80 23.30
N LEU C 181 -3.09 3.38 24.39
CA LEU C 181 -3.58 4.76 24.34
C LEU C 181 -2.44 5.76 24.27
N GLN C 182 -1.28 5.39 24.78
CA GLN C 182 -0.14 6.28 24.75
C GLN C 182 0.97 5.90 23.71
N ARG C 183 0.71 4.97 22.82
CA ARG C 183 1.63 4.63 21.75
C ARG C 183 1.77 5.80 20.77
N GLN C 184 2.91 5.90 20.13
CA GLN C 184 3.14 6.90 19.10
C GLN C 184 3.28 6.15 17.83
N VAL C 185 2.59 6.61 16.77
CA VAL C 185 2.65 5.97 15.50
C VAL C 185 3.07 7.04 14.51
N LYS C 186 4.16 6.78 13.79
CA LYS C 186 4.72 7.75 12.86
C LYS C 186 3.96 7.82 11.53
N PRO C 187 3.69 9.01 11.05
CA PRO C 187 3.05 9.12 9.74
C PRO C 187 3.99 8.94 8.53
N GLU C 188 3.40 8.77 7.35
CA GLU C 188 4.13 9.01 6.09
C GLU C 188 3.51 10.26 5.47
N ALA C 189 4.22 10.85 4.53
CA ALA C 189 3.78 12.05 3.85
C ALA C 189 4.14 11.96 2.37
N TRP C 190 3.35 12.62 1.49
CA TRP C 190 3.68 12.75 0.09
C TRP C 190 3.01 13.92 -0.52
N LEU C 191 3.48 14.27 -1.73
CA LEU C 191 3.01 15.48 -2.38
C LEU C 191 2.20 15.15 -3.63
N SER C 192 1.29 16.02 -4.04
CA SER C 192 0.68 15.90 -5.35
C SER C 192 0.31 17.29 -5.85
N SER C 193 -0.08 17.39 -7.14
CA SER C 193 -0.59 18.68 -7.63
C SER C 193 -2.05 18.49 -8.02
N GLY C 194 -2.97 19.04 -7.20
CA GLY C 194 -4.44 18.96 -7.37
C GLY C 194 -4.99 19.86 -8.53
N PRO C 195 -6.35 19.97 -8.62
CA PRO C 195 -6.98 20.87 -9.64
C PRO C 195 -6.55 22.39 -9.50
N SER C 196 -6.10 23.01 -10.61
CA SER C 196 -5.80 24.44 -10.60
C SER C 196 -6.96 25.20 -9.94
N PRO C 197 -6.67 26.21 -9.12
CA PRO C 197 -7.76 27.04 -8.56
C PRO C 197 -8.24 28.15 -9.51
N GLY C 198 -7.44 28.47 -10.51
CA GLY C 198 -7.70 29.65 -11.37
C GLY C 198 -6.69 29.63 -12.52
N PRO C 199 -6.93 30.44 -13.59
CA PRO C 199 -5.93 30.56 -14.68
C PRO C 199 -4.49 30.77 -14.21
N GLY C 200 -3.60 29.84 -14.57
CA GLY C 200 -2.19 29.96 -14.23
C GLY C 200 -1.92 29.71 -12.74
N ARG C 201 -2.88 29.05 -12.08
CA ARG C 201 -2.73 28.81 -10.66
C ARG C 201 -2.57 27.29 -10.52
N LEU C 202 -1.86 26.94 -9.47
CA LEU C 202 -1.52 25.58 -9.11
C LEU C 202 -2.04 25.38 -7.73
N GLN C 203 -2.47 24.17 -7.46
CA GLN C 203 -2.76 23.79 -6.07
C GLN C 203 -1.75 22.69 -5.63
N LEU C 204 -0.77 23.00 -4.80
CA LEU C 204 0.09 21.91 -4.26
C LEU C 204 -0.60 21.33 -3.03
N VAL C 205 -0.49 20.02 -2.89
CA VAL C 205 -1.14 19.28 -1.84
C VAL C 205 -0.09 18.43 -1.10
N CYS C 206 -0.02 18.61 0.21
CA CYS C 206 0.79 17.82 1.05
C CYS C 206 -0.13 16.91 1.84
N HIS C 207 0.04 15.60 1.73
CA HIS C 207 -0.79 14.65 2.40
C HIS C 207 0.01 14.03 3.54
N VAL C 208 -0.65 13.86 4.70
CA VAL C 208 -0.04 13.21 5.86
C VAL C 208 -0.96 12.12 6.40
N SER C 209 -0.46 10.89 6.55
CA SER C 209 -1.25 9.76 6.88
C SER C 209 -0.66 8.71 7.75
N GLY C 210 -1.45 8.19 8.67
CA GLY C 210 -1.05 7.13 9.56
C GLY C 210 -0.50 7.53 10.91
N PHE C 211 -0.73 8.76 11.37
CA PHE C 211 -0.26 9.25 12.64
C PHE C 211 -1.23 9.00 13.79
N TYR C 212 -0.64 8.81 14.94
CA TYR C 212 -1.36 8.68 16.21
C TYR C 212 -0.36 9.14 17.31
N PRO C 213 -0.76 10.01 18.22
CA PRO C 213 -2.14 10.51 18.38
C PRO C 213 -2.44 11.64 17.41
N LYS C 214 -3.63 12.22 17.56
CA LYS C 214 -4.19 13.18 16.58
C LYS C 214 -3.54 14.55 16.42
N PRO C 215 -3.04 15.19 17.50
CA PRO C 215 -2.52 16.57 17.19
C PRO C 215 -1.29 16.46 16.19
N VAL C 216 -1.19 17.37 15.25
CA VAL C 216 -0.17 17.25 14.16
C VAL C 216 -0.02 18.66 13.66
N TRP C 217 1.16 19.00 13.15
CA TRP C 217 1.48 20.34 12.58
C TRP C 217 1.95 20.14 11.15
N VAL C 218 1.35 20.84 10.20
CA VAL C 218 1.69 20.73 8.74
C VAL C 218 1.70 22.16 8.21
N MET C 219 2.70 22.55 7.42
CA MET C 219 2.71 23.90 6.82
C MET C 219 3.53 23.82 5.55
N TRP C 220 3.10 24.61 4.59
CA TRP C 220 3.92 24.87 3.41
C TRP C 220 4.92 25.95 3.80
N MET C 221 6.17 25.78 3.32
CA MET C 221 7.33 26.64 3.68
C MET C 221 8.13 27.11 2.44
N ARG C 222 8.75 28.26 2.53
CA ARG C 222 9.84 28.64 1.60
C ARG C 222 11.05 28.90 2.50
N GLY C 223 11.91 27.89 2.60
CA GLY C 223 12.96 27.83 3.63
C GLY C 223 12.33 27.95 5.01
N GLU C 224 12.77 28.95 5.76
CA GLU C 224 12.34 29.18 7.11
C GLU C 224 10.98 29.90 7.14
N GLN C 225 10.51 30.47 6.00
CA GLN C 225 9.23 31.24 5.96
C GLN C 225 7.98 30.42 5.76
N GLU C 226 7.08 30.48 6.73
CA GLU C 226 5.82 29.79 6.65
C GLU C 226 4.98 30.49 5.62
N GLN C 227 4.31 29.72 4.76
CA GLN C 227 3.37 30.27 3.75
C GLN C 227 1.95 30.30 4.38
N GLN C 228 1.55 31.51 4.74
CA GLN C 228 0.28 31.64 5.53
C GLN C 228 -0.99 31.26 4.66
N GLY C 229 -0.83 31.29 3.31
CA GLY C 229 -1.85 30.77 2.41
C GLY C 229 -2.16 29.32 2.54
N THR C 230 -1.36 28.58 3.32
CA THR C 230 -1.64 27.19 3.55
C THR C 230 -3.06 26.98 4.08
N GLN C 231 -3.74 26.07 3.46
CA GLN C 231 -5.10 25.72 3.92
C GLN C 231 -5.07 24.32 4.54
N LEU C 232 -5.38 24.19 5.81
CA LEU C 232 -5.52 22.86 6.36
C LEU C 232 -6.87 22.21 6.06
N GLY C 233 -6.87 20.94 5.63
CA GLY C 233 -8.09 20.18 5.54
C GLY C 233 -8.61 19.70 6.88
N ASP C 234 -9.67 18.92 6.85
CA ASP C 234 -10.20 18.29 8.05
C ASP C 234 -9.29 17.12 8.38
N ILE C 235 -9.19 16.83 9.67
CA ILE C 235 -8.57 15.59 10.10
C ILE C 235 -9.53 14.39 9.90
N LEU C 236 -9.15 13.36 9.14
CA LEU C 236 -10.05 12.27 8.73
C LEU C 236 -9.53 10.97 9.27
N PRO C 237 -10.41 10.06 9.60
CA PRO C 237 -9.93 8.81 10.16
C PRO C 237 -9.53 7.77 9.09
N ASN C 238 -8.56 6.97 9.46
CA ASN C 238 -8.26 5.70 8.81
C ASN C 238 -8.92 4.64 9.69
N ALA C 239 -9.03 3.40 9.25
CA ALA C 239 -9.75 2.37 10.05
C ALA C 239 -8.99 1.88 11.29
N ASN C 240 -7.70 2.17 11.39
CA ASN C 240 -6.81 1.56 12.37
C ASN C 240 -6.29 2.45 13.51
N TRP C 241 -7.10 3.39 13.98
CA TRP C 241 -6.73 4.30 15.03
C TRP C 241 -5.58 5.20 14.62
N THR C 242 -5.59 5.59 13.36
CA THR C 242 -4.73 6.65 12.92
C THR C 242 -5.55 7.65 12.13
N TRP C 243 -4.91 8.75 11.75
CA TRP C 243 -5.58 9.84 11.03
C TRP C 243 -4.87 10.22 9.73
N TYR C 244 -5.57 11.06 8.99
CA TYR C 244 -5.22 11.54 7.70
C TYR C 244 -5.47 13.01 7.64
N LEU C 245 -4.57 13.80 7.04
CA LEU C 245 -4.80 15.26 6.86
C LEU C 245 -4.18 15.71 5.53
N ARG C 246 -4.80 16.62 4.80
CA ARG C 246 -4.09 17.36 3.77
C ARG C 246 -3.98 18.86 4.00
N ALA C 247 -2.87 19.44 3.47
CA ALA C 247 -2.67 20.87 3.48
C ALA C 247 -2.38 21.34 2.06
N THR C 248 -3.08 22.37 1.61
CA THR C 248 -3.01 22.80 0.24
C THR C 248 -2.47 24.24 0.14
N LEU C 249 -1.81 24.50 -0.99
CA LEU C 249 -1.31 25.82 -1.25
C LEU C 249 -1.60 26.19 -2.73
N ASP C 250 -2.32 27.28 -2.88
CA ASP C 250 -2.59 27.88 -4.22
C ASP C 250 -1.42 28.78 -4.54
N VAL C 251 -0.57 28.39 -5.47
CA VAL C 251 0.54 29.26 -5.87
C VAL C 251 0.44 29.60 -7.39
N ALA C 252 0.94 30.77 -7.75
CA ALA C 252 1.02 31.13 -9.20
C ALA C 252 2.03 30.13 -9.88
N ASP C 253 1.73 29.68 -11.09
CA ASP C 253 2.69 28.79 -11.83
C ASP C 253 4.05 29.46 -11.77
N GLY C 254 5.07 28.61 -11.73
CA GLY C 254 6.45 29.07 -11.67
C GLY C 254 6.82 29.40 -10.23
N GLU C 255 5.88 29.63 -9.32
CA GLU C 255 6.33 29.99 -7.91
C GLU C 255 6.63 28.75 -7.01
N ALA C 256 6.78 27.58 -7.64
CA ALA C 256 6.70 26.28 -6.95
C ALA C 256 8.07 25.79 -6.48
N ALA C 257 9.13 26.16 -7.22
CA ALA C 257 10.50 25.85 -6.87
C ALA C 257 10.87 26.53 -5.57
N GLY C 258 11.58 25.85 -4.71
CA GLY C 258 11.92 26.41 -3.42
C GLY C 258 10.90 26.09 -2.31
N LEU C 259 9.69 25.67 -2.69
CA LEU C 259 8.61 25.39 -1.66
C LEU C 259 8.75 23.98 -1.10
N SER C 260 8.49 23.83 0.20
CA SER C 260 8.46 22.54 0.74
C SER C 260 7.30 22.43 1.76
N CYS C 261 6.94 21.18 2.06
CA CYS C 261 5.96 20.83 3.11
C CYS C 261 6.72 20.31 4.33
N ARG C 262 6.36 20.78 5.55
CA ARG C 262 7.00 20.37 6.76
C ARG C 262 5.94 19.86 7.73
N VAL C 263 6.18 18.70 8.26
CA VAL C 263 5.29 18.01 9.20
C VAL C 263 6.01 17.75 10.50
N LYS C 264 5.41 18.20 11.59
CA LYS C 264 5.85 17.85 12.89
C LYS C 264 4.79 17.04 13.64
N HIS C 265 5.27 16.08 14.41
CA HIS C 265 4.40 15.17 15.15
C HIS C 265 5.15 14.69 16.33
N SER C 266 4.38 14.34 17.37
CA SER C 266 4.93 13.82 18.61
C SER C 266 5.67 12.53 18.42
N SER C 267 5.41 11.74 17.41
CA SER C 267 6.17 10.54 17.17
C SER C 267 7.51 10.75 16.45
N LEU C 268 7.79 11.99 16.01
CA LEU C 268 8.89 12.32 15.21
C LEU C 268 9.77 13.43 15.91
N GLU C 269 10.05 13.28 17.17
CA GLU C 269 10.93 14.27 17.85
C GLU C 269 12.32 14.25 17.24
N GLY C 270 12.80 15.40 16.79
CA GLY C 270 14.10 15.49 16.12
C GLY C 270 14.11 14.93 14.70
N GLN C 271 12.90 14.70 14.16
CA GLN C 271 12.71 13.98 12.93
C GLN C 271 11.66 14.59 11.93
N ASP C 272 11.53 15.93 11.93
CA ASP C 272 10.43 16.54 11.17
C ASP C 272 10.58 16.08 9.69
N ILE C 273 9.47 15.86 9.01
CA ILE C 273 9.48 15.49 7.64
C ILE C 273 9.49 16.77 6.85
N ILE C 274 10.40 16.86 5.85
CA ILE C 274 10.46 18.04 4.93
C ILE C 274 10.46 17.51 3.51
N LEU C 275 9.44 17.87 2.74
CA LEU C 275 9.27 17.35 1.37
C LEU C 275 9.30 18.46 0.38
N TYR C 276 10.13 18.35 -0.62
CA TYR C 276 10.20 19.40 -1.69
C TYR C 276 9.41 19.06 -2.91
N TRP C 277 8.73 20.06 -3.48
CA TRP C 277 7.94 19.86 -4.73
C TRP C 277 8.86 19.59 -5.91
N ARG C 278 9.76 20.51 -6.09
CA ARG C 278 10.76 20.45 -7.14
C ARG C 278 12.10 20.02 -6.55
N ASN C 279 12.66 19.00 -7.21
CA ASN C 279 13.98 18.44 -6.85
C ASN C 279 14.94 19.62 -6.56
N PRO C 280 15.48 19.73 -5.32
CA PRO C 280 16.39 20.88 -5.11
C PRO C 280 17.76 20.75 -5.85
N ILE C 281 18.08 19.56 -6.42
CA ILE C 281 19.21 19.34 -7.37
C ILE C 281 19.24 20.27 -8.64
N ASP C 282 18.27 20.18 -9.58
CA ASP C 282 18.36 20.84 -10.95
C ASP C 282 18.83 22.28 -10.93
N ILE D 1 -34.32 18.63 12.53
CA ILE D 1 -33.77 19.38 11.35
C ILE D 1 -32.81 18.49 10.54
N GLN D 2 -33.01 18.48 9.23
CA GLN D 2 -32.30 17.56 8.33
C GLN D 2 -31.06 18.30 7.89
N ARG D 3 -29.99 17.55 7.63
CA ARG D 3 -28.73 18.09 7.13
C ARG D 3 -28.07 17.18 6.12
N THR D 4 -27.53 17.81 5.08
CA THR D 4 -27.05 17.05 3.97
C THR D 4 -25.67 16.51 4.29
N PRO D 5 -25.35 15.32 3.81
CA PRO D 5 -24.01 14.84 4.09
C PRO D 5 -22.84 15.52 3.33
N LYS D 6 -21.71 15.68 4.01
CA LYS D 6 -20.44 15.89 3.34
C LYS D 6 -19.78 14.60 2.97
N ILE D 7 -19.05 14.55 1.85
CA ILE D 7 -18.52 13.24 1.37
C ILE D 7 -17.07 13.48 0.98
N GLN D 8 -16.15 12.79 1.63
CA GLN D 8 -14.69 12.92 1.36
C GLN D 8 -14.07 11.57 1.04
N VAL D 9 -13.35 11.50 -0.07
CA VAL D 9 -12.82 10.23 -0.58
C VAL D 9 -11.29 10.36 -0.68
N TYR D 10 -10.61 9.38 -0.12
CA TYR D 10 -9.15 9.39 0.01
C TYR D 10 -8.56 7.98 0.20
N SER D 11 -7.25 7.83 -0.16
CA SER D 11 -6.60 6.54 0.03
C SER D 11 -5.76 6.67 1.32
N ARG D 12 -5.60 5.58 2.02
CA ARG D 12 -4.72 5.55 3.22
C ARG D 12 -3.23 5.84 2.91
N HIS D 13 -2.73 5.24 1.82
CA HIS D 13 -1.31 5.33 1.37
C HIS D 13 -1.27 6.00 0.02
N PRO D 14 -0.12 6.56 -0.40
CA PRO D 14 0.07 7.05 -1.73
C PRO D 14 -0.27 5.99 -2.74
N ALA D 15 -0.90 6.41 -3.84
CA ALA D 15 -1.45 5.48 -4.77
C ALA D 15 -0.25 5.02 -5.58
N GLU D 16 -0.06 3.73 -5.75
CA GLU D 16 1.00 3.26 -6.66
C GLU D 16 0.37 2.14 -7.44
N ASN D 17 0.24 2.29 -8.78
CA ASN D 17 -0.48 1.26 -9.60
C ASN D 17 0.02 -0.17 -9.38
N GLY D 18 -0.92 -1.09 -9.23
CA GLY D 18 -0.60 -2.46 -8.86
C GLY D 18 -0.21 -2.74 -7.43
N LYS D 19 -0.14 -1.72 -6.54
CA LYS D 19 0.17 -1.98 -5.12
C LYS D 19 -1.14 -1.85 -4.33
N SER D 20 -1.38 -2.83 -3.47
CA SER D 20 -2.50 -2.92 -2.59
C SER D 20 -2.59 -1.73 -1.60
N ASN D 21 -3.82 -1.29 -1.26
CA ASN D 21 -4.03 0.01 -0.55
C ASN D 21 -5.44 -0.09 0.06
N PHE D 22 -5.92 0.98 0.73
CA PHE D 22 -7.31 1.07 1.23
C PHE D 22 -7.91 2.37 0.70
N LEU D 23 -9.12 2.25 0.21
CA LEU D 23 -9.91 3.37 -0.20
C LEU D 23 -10.92 3.68 0.94
N ASN D 24 -11.03 4.95 1.24
CA ASN D 24 -11.89 5.39 2.39
C ASN D 24 -12.94 6.34 1.85
N CYS D 25 -14.16 6.29 2.38
CA CYS D 25 -15.08 7.31 2.04
C CYS D 25 -15.70 7.74 3.40
N TYR D 26 -15.47 9.00 3.75
CA TYR D 26 -15.94 9.57 5.02
C TYR D 26 -17.12 10.43 4.74
N VAL D 27 -18.23 10.09 5.42
CA VAL D 27 -19.48 10.73 5.25
C VAL D 27 -19.90 11.32 6.57
N SER D 28 -20.15 12.61 6.57
CA SER D 28 -20.34 13.33 7.85
C SER D 28 -21.29 14.47 7.77
N GLY D 29 -21.65 15.03 8.93
CA GLY D 29 -22.48 16.22 9.06
C GLY D 29 -23.94 16.04 8.65
N PHE D 30 -24.42 14.81 8.66
CA PHE D 30 -25.77 14.49 8.14
C PHE D 30 -26.83 14.18 9.26
N HIS D 31 -28.11 14.43 8.95
CA HIS D 31 -29.22 14.15 9.86
C HIS D 31 -30.49 14.01 9.02
N PRO D 32 -31.30 12.98 9.27
CA PRO D 32 -31.16 11.90 10.25
C PRO D 32 -30.14 10.81 9.81
N SER D 33 -30.02 9.76 10.60
CA SER D 33 -28.95 8.80 10.40
C SER D 33 -29.11 7.87 9.21
N ASP D 34 -30.33 7.63 8.75
CA ASP D 34 -30.54 6.57 7.74
C ASP D 34 -29.84 7.04 6.49
N ILE D 35 -29.00 6.21 5.91
CA ILE D 35 -28.20 6.64 4.79
C ILE D 35 -27.78 5.39 4.04
N GLU D 36 -27.52 5.50 2.74
CA GLU D 36 -27.00 4.39 1.97
C GLU D 36 -25.73 4.87 1.31
N VAL D 37 -24.64 4.13 1.53
CA VAL D 37 -23.32 4.47 1.04
C VAL D 37 -22.78 3.22 0.34
N ASP D 38 -22.26 3.40 -0.86
CA ASP D 38 -21.55 2.35 -1.56
C ASP D 38 -20.25 2.86 -2.13
N LEU D 39 -19.25 1.98 -2.16
CA LEU D 39 -18.01 2.21 -2.91
C LEU D 39 -18.25 1.55 -4.30
N LEU D 40 -17.72 2.21 -5.36
CA LEU D 40 -17.87 1.79 -6.74
C LEU D 40 -16.53 1.61 -7.40
N LYS D 41 -16.46 0.61 -8.30
CA LYS D 41 -15.32 0.39 -9.19
C LYS D 41 -15.91 0.36 -10.60
N ASN D 42 -15.41 1.25 -11.45
CA ASN D 42 -16.04 1.62 -12.69
C ASN D 42 -17.54 1.59 -12.70
N GLY D 43 -18.19 2.38 -11.83
CA GLY D 43 -19.65 2.48 -11.82
C GLY D 43 -20.41 1.36 -11.09
N GLU D 44 -19.71 0.30 -10.73
CA GLU D 44 -20.26 -0.92 -10.19
C GLU D 44 -19.93 -1.06 -8.71
N ARG D 45 -20.92 -1.53 -7.94
CA ARG D 45 -20.87 -1.55 -6.48
C ARG D 45 -19.84 -2.59 -6.01
N ILE D 46 -18.90 -2.20 -5.13
CA ILE D 46 -17.98 -3.16 -4.53
C ILE D 46 -18.66 -3.89 -3.38
N GLU D 47 -18.42 -5.21 -3.31
CA GLU D 47 -19.14 -6.10 -2.42
C GLU D 47 -18.53 -6.18 -1.03
N LYS D 48 -17.23 -6.26 -0.87
CA LYS D 48 -16.69 -6.55 0.47
C LYS D 48 -16.73 -5.36 1.54
N VAL D 49 -17.32 -4.22 1.23
CA VAL D 49 -17.10 -2.94 1.98
C VAL D 49 -17.34 -2.95 3.51
N GLU D 50 -16.36 -2.51 4.30
CA GLU D 50 -16.55 -2.43 5.77
C GLU D 50 -16.92 -1.01 6.16
N HIS D 51 -17.53 -0.82 7.32
CA HIS D 51 -17.82 0.48 7.80
C HIS D 51 -17.78 0.57 9.26
N SER D 52 -17.63 1.78 9.77
CA SER D 52 -17.61 1.97 11.18
C SER D 52 -19.04 1.90 11.77
N ASP D 53 -19.13 1.68 13.09
CA ASP D 53 -20.41 1.85 13.77
C ASP D 53 -20.77 3.33 13.81
N LEU D 54 -22.08 3.59 13.82
CA LEU D 54 -22.61 4.93 13.79
C LEU D 54 -22.11 5.76 14.96
N SER D 55 -21.71 6.99 14.65
CA SER D 55 -21.36 7.95 15.65
C SER D 55 -21.90 9.33 15.27
N PHE D 56 -21.78 10.21 16.21
CA PHE D 56 -22.16 11.59 16.00
C PHE D 56 -21.28 12.62 16.70
N SER D 57 -21.33 13.82 16.18
CA SER D 57 -20.50 14.92 16.63
C SER D 57 -21.29 15.74 17.66
N LYS D 58 -20.60 16.74 18.17
CA LYS D 58 -21.11 17.60 19.20
C LYS D 58 -22.41 18.30 18.80
N ASP D 59 -22.60 18.59 17.52
CA ASP D 59 -23.82 19.23 17.05
C ASP D 59 -24.93 18.24 16.64
N TRP D 60 -24.71 16.99 17.00
CA TRP D 60 -25.70 15.84 16.84
C TRP D 60 -25.70 15.27 15.43
N SER D 61 -24.93 15.88 14.50
CA SER D 61 -24.85 15.38 13.16
C SER D 61 -24.03 14.10 13.16
N PHE D 62 -24.38 13.15 12.29
CA PHE D 62 -23.81 11.82 12.25
C PHE D 62 -22.56 11.74 11.36
N TYR D 63 -21.71 10.77 11.63
CA TYR D 63 -20.62 10.43 10.70
C TYR D 63 -20.31 8.93 10.68
N LEU D 64 -19.82 8.49 9.52
CA LEU D 64 -19.50 7.12 9.23
C LEU D 64 -18.24 7.05 8.33
N LEU D 65 -17.42 6.05 8.52
CA LEU D 65 -16.32 5.72 7.60
C LEU D 65 -16.63 4.41 6.91
N TYR D 66 -16.61 4.45 5.57
CA TYR D 66 -16.64 3.21 4.80
C TYR D 66 -15.27 3.00 4.13
N TYR D 67 -14.81 1.75 4.07
CA TYR D 67 -13.48 1.46 3.51
C TYR D 67 -13.37 0.05 2.96
N THR D 68 -12.46 -0.11 2.00
CA THR D 68 -12.19 -1.36 1.38
C THR D 68 -10.74 -1.41 0.92
N GLU D 69 -10.17 -2.59 1.00
CA GLU D 69 -8.91 -2.88 0.37
C GLU D 69 -9.11 -2.71 -1.13
N PHE D 70 -8.13 -2.19 -1.85
CA PHE D 70 -8.24 -2.09 -3.30
C PHE D 70 -6.85 -1.92 -3.90
N THR D 71 -6.72 -2.15 -5.19
CA THR D 71 -5.43 -1.93 -5.89
C THR D 71 -5.65 -0.91 -7.00
N PRO D 72 -5.15 0.32 -6.84
CA PRO D 72 -5.28 1.29 -7.91
C PRO D 72 -4.56 0.84 -9.19
N THR D 73 -5.01 1.35 -10.34
CA THR D 73 -4.41 1.17 -11.69
C THR D 73 -4.71 2.42 -12.55
N GLU D 74 -4.08 2.54 -13.73
CA GLU D 74 -4.37 3.66 -14.66
C GLU D 74 -5.82 3.62 -15.14
N LYS D 75 -6.35 2.43 -15.36
CA LYS D 75 -7.63 2.28 -16.10
C LYS D 75 -8.86 2.42 -15.17
N ASP D 76 -8.77 1.91 -13.96
CA ASP D 76 -9.95 1.77 -13.07
C ASP D 76 -10.28 3.03 -12.31
N GLU D 77 -11.57 3.41 -12.36
CA GLU D 77 -12.15 4.52 -11.59
C GLU D 77 -12.92 4.02 -10.34
N TYR D 78 -12.72 4.75 -9.25
CA TYR D 78 -13.24 4.38 -7.97
C TYR D 78 -14.06 5.58 -7.48
N ALA D 79 -15.12 5.35 -6.74
CA ALA D 79 -16.00 6.45 -6.36
C ALA D 79 -16.78 6.07 -5.12
N CYS D 80 -17.40 7.06 -4.49
CA CYS D 80 -18.26 6.86 -3.34
C CYS D 80 -19.64 7.38 -3.77
N ARG D 81 -20.68 6.60 -3.55
CA ARG D 81 -22.08 6.97 -3.93
C ARG D 81 -22.96 7.00 -2.68
N VAL D 82 -23.61 8.14 -2.47
CA VAL D 82 -24.32 8.37 -1.23
C VAL D 82 -25.74 8.70 -1.56
N ASN D 83 -26.66 8.03 -0.92
CA ASN D 83 -28.06 8.47 -0.95
C ASN D 83 -28.63 8.74 0.44
N HIS D 84 -29.38 9.83 0.57
CA HIS D 84 -29.91 10.31 1.84
C HIS D 84 -31.17 11.09 1.55
N VAL D 85 -32.09 11.20 2.54
CA VAL D 85 -33.38 11.93 2.33
C VAL D 85 -33.17 13.37 1.83
N THR D 86 -32.06 14.00 2.21
CA THR D 86 -31.79 15.39 1.81
C THR D 86 -31.34 15.53 0.33
N LEU D 87 -31.05 14.40 -0.35
CA LEU D 87 -30.53 14.40 -1.71
C LEU D 87 -31.68 14.09 -2.74
N SER D 88 -31.79 14.89 -3.81
CA SER D 88 -32.80 14.68 -4.86
C SER D 88 -32.47 13.41 -5.64
N GLN D 89 -31.18 13.08 -5.69
CA GLN D 89 -30.72 11.85 -6.27
C GLN D 89 -29.39 11.47 -5.62
N PRO D 90 -28.91 10.25 -5.88
CA PRO D 90 -27.58 9.93 -5.28
C PRO D 90 -26.39 10.81 -5.76
N LYS D 91 -25.47 11.05 -4.83
CA LYS D 91 -24.35 11.96 -5.04
C LYS D 91 -23.13 11.01 -5.18
N ILE D 92 -22.39 11.18 -6.28
CA ILE D 92 -21.19 10.36 -6.60
C ILE D 92 -19.97 11.27 -6.51
N VAL D 93 -19.03 10.89 -5.64
CA VAL D 93 -17.76 11.64 -5.51
C VAL D 93 -16.67 10.70 -5.97
N LYS D 94 -15.92 11.12 -6.98
CA LYS D 94 -14.83 10.31 -7.57
C LYS D 94 -13.56 10.36 -6.75
N TRP D 95 -12.91 9.22 -6.55
CA TRP D 95 -11.56 9.19 -5.97
C TRP D 95 -10.58 9.80 -6.92
N ASP D 96 -9.92 10.88 -6.50
CA ASP D 96 -8.89 11.48 -7.34
C ASP D 96 -7.56 11.45 -6.55
N ARG D 97 -6.57 10.73 -7.06
CA ARG D 97 -5.35 10.53 -6.29
C ARG D 97 -4.53 11.79 -6.06
N ASP D 98 -4.67 12.79 -6.93
CA ASP D 98 -3.97 14.07 -6.81
C ASP D 98 -4.57 15.11 -5.85
N MET D 99 -5.81 14.90 -5.47
CA MET D 99 -6.44 15.73 -4.46
C MET D 99 -6.06 15.19 -3.09
#